data_9PW4
#
_entry.id   9PW4
#
_cell.length_a   1.00
_cell.length_b   1.00
_cell.length_c   1.00
_cell.angle_alpha   90.00
_cell.angle_beta   90.00
_cell.angle_gamma   90.00
#
_symmetry.space_group_name_H-M   'P 1'
#
loop_
_entity.id
_entity.type
_entity.pdbx_description
1 polymer 'Spike protein S1'
2 polymer 'V30V4 FAB LIGHT CHAIN'
3 polymer 'SP1-77 FAB LIGHT CHAIN'
4 polymer 'V30V4 FAB HEAVY CHAIN'
5 polymer 'SP1-77 FAB HEAVY CHAIN'
6 branched beta-D-mannopyranose-(1-4)-2-acetamido-2-deoxy-beta-D-glucopyranose-(1-4)-[alpha-L-fucopyranose-(1-6)]2-acetamido-2-deoxy-beta-D-glucopyranose
#
loop_
_entity_poly.entity_id
_entity_poly.type
_entity_poly.pdbx_seq_one_letter_code
_entity_poly.pdbx_strand_id
1 'polypeptide(L)'
;MFVFLVLLPLVSSQCVNLTTRTQLPPAYTNSFTRGVYYPDKVFRSSVLHSTQDLFLPFFSNVTWFHAIHVSGTNGTKRFD
NPVLPFNDGVYFASTEKSNIIRGWIFGTTLDSKTQSLLIVNNATNVVIKVCEFQFCNDPFLGVYYHKNNKSWMESEFRVY
SSANNCTFEYVSQPFLMDLEGKQGNFKNLREFVFKNIDGYFKIYSKHTPINLVRDLPQGFSALEPLVDLPIGINITRFQT
LLALHRSYLTPGDSSSGWTAGAAAYYVGYLQPRTFLLKYNENGTITDAVDCALDPLSETKCTLKSFTVEKGIYQTSNFRV
QPTESIVRFPNITNLCPFGEVFNATRFASVYAWNRKRISNCVADYSVLYNSASFSTFKCYGVSPTKLNDLCFTNVYADSF
VIRGDEVRQIAPGQTGKIADYNYKLPDDFTGCVIAWNSNNLDSKVGGNYNYLYRLFRKSNLKPFERDISTEIYQAGSTPC
NGVEGFNCYFPLQSYGFQPTNGVGYQPYRVVVLSFELLHAPATVCGPKKSTNLVKNKCVNFNFNGLTGTGVLTESNKKFL
PFQQFGRDIADTTDAVRDPQTLEILDITPCSFGGVSVITPGTNTSNQVAVLYQGVNCTEVPVAIHADQLTPTWRVYSTGS
NVFQTRAGCLIGAEHVNNSYECDIPIGAGICASYQTQTNSPRRA
;
A
2 'polypeptide(L)'
;EIVLTQSPGTLSLSPGERATLSCRVSQSVSSNSLAWYQQKPGQPPRLLIYGASSRATGIPDRFSGSGSGTDFTLTINRLE
PEDFAVYYCQQYGSSPPITFGQGTRLEIKRTVAAPSVFIFPPSDEQLKSGTASVVCLLNNFYPREAKVQWKVDNALQSGN
SQESVTEQDSKDSTYSLSSTLTLSKADYEKHKVYACEVTHQGLSSPVTKSFNRGEC
;
D
3 'polypeptide(L)'
;DIQMTQSPSSLSASVGDRVTITCQASQDISDYLNWYQQQPGKAPKLLIYDASNLETGVPSRFSGSGSGTDFTFTISSLQP
EDIGTYYCQQYDNLPTFGGGTKLEIKRTVAAPSVFIFPPSDEQLKSGTASVVCLLNNFYPREAKVQWKVDNALQSGNSQE
SVTEQDSKDSTYSLSSTLTLSKADYEKHKVYACEVTHQGLSSPVTKSFNRGEC
;
F
4 'polypeptide(L)'
;EVQLVESGGGLIQPGGSLRLSCTASEIIVSRNYMSWVRQAPGKGLEWVSLIYAGGSTFYADSVKGRFTISRDDSKNTLYL
QMNSLRAEDTAVYYCARDLFEAGATDYWGQGTLVTVSSASTKGPSVFPLAPSSKSTSGGTAALGCLVKDYFPEPVTVSWN
SGALTSGVHTFPAVLQSSGLYSLSSVVTVPSSSLGTQTYICNVNHKPSNTKVDKRVEPKSCDKTHT
;
C
5 'polypeptide(L)'
;QVQLVQSGAEVKKPGASVKVSCKASGYTFTGTYIHWVRQAPGQGLEWMGWINPNSGGTNFAQIFQGRVTLTRDTSISTAY
MDLNRLKSDDTAVYYCARDRVLYGRSFGWYFDVWGAGTTVTVSSASTKGPSVFPLAPCSRSTSESTAALGCLVKDYFPEP
VTVSWNSGALTSGVHTFPAVLQSSGLYSLSSVVTVPSSSLGTKTYTCNVDHKPSNTKVDKRVESK
;
E
#
# COMPACT_ATOMS: atom_id res chain seq x y z
N PHE A 329 -14.48 42.11 -23.58
CA PHE A 329 -14.61 40.87 -22.83
C PHE A 329 -16.07 40.61 -22.50
N PRO A 330 -16.50 39.35 -22.65
CA PRO A 330 -17.92 39.04 -22.41
C PRO A 330 -18.31 39.23 -20.94
N ASN A 331 -19.59 39.54 -20.74
CA ASN A 331 -20.12 39.85 -19.41
C ASN A 331 -20.36 38.53 -18.67
N ILE A 332 -19.33 38.05 -17.99
CA ILE A 332 -19.41 36.86 -17.15
C ILE A 332 -18.79 37.19 -15.80
N THR A 333 -19.50 36.88 -14.72
CA THR A 333 -19.03 37.17 -13.37
C THR A 333 -18.73 35.91 -12.56
N ASN A 334 -18.97 34.73 -13.12
CA ASN A 334 -18.69 33.50 -12.39
C ASN A 334 -17.19 33.27 -12.27
N LEU A 335 -16.81 32.54 -11.23
CA LEU A 335 -15.43 32.15 -10.99
C LEU A 335 -15.26 30.70 -11.40
N CYS A 336 -14.18 30.41 -12.13
CA CYS A 336 -14.01 29.09 -12.71
C CYS A 336 -13.72 28.07 -11.61
N PRO A 337 -14.30 26.87 -11.70
CA PRO A 337 -14.20 25.90 -10.59
C PRO A 337 -12.85 25.21 -10.52
N PHE A 338 -11.81 25.99 -10.24
CA PHE A 338 -10.48 25.42 -10.07
C PHE A 338 -10.27 24.80 -8.69
N GLY A 339 -11.08 25.20 -7.71
CA GLY A 339 -10.96 24.59 -6.39
C GLY A 339 -11.37 23.13 -6.40
N GLU A 340 -12.45 22.79 -7.08
CA GLU A 340 -12.92 21.41 -7.15
C GLU A 340 -12.03 20.52 -8.00
N VAL A 341 -11.10 21.10 -8.75
CA VAL A 341 -10.18 20.32 -9.58
C VAL A 341 -8.87 20.05 -8.84
N PHE A 342 -8.28 21.10 -8.27
CA PHE A 342 -6.98 20.98 -7.61
C PHE A 342 -7.09 20.49 -6.18
N ASN A 343 -8.28 20.49 -5.58
CA ASN A 343 -8.46 20.11 -4.19
C ASN A 343 -9.37 18.92 -3.99
N ALA A 344 -9.76 18.22 -5.05
CA ALA A 344 -10.61 17.06 -4.90
C ALA A 344 -9.94 16.04 -3.99
N THR A 345 -10.73 15.46 -3.08
CA THR A 345 -10.18 14.53 -2.11
C THR A 345 -9.54 13.34 -2.80
N ARG A 346 -10.19 12.80 -3.83
CA ARG A 346 -9.70 11.65 -4.57
C ARG A 346 -9.49 12.05 -6.02
N PHE A 347 -8.33 11.70 -6.56
CA PHE A 347 -8.02 11.91 -7.96
C PHE A 347 -8.23 10.63 -8.75
N ALA A 348 -8.28 10.76 -10.07
CA ALA A 348 -8.45 9.60 -10.92
C ALA A 348 -7.14 8.87 -11.11
N SER A 349 -7.24 7.61 -11.50
CA SER A 349 -6.06 6.87 -11.92
C SER A 349 -5.61 7.36 -13.30
N VAL A 350 -4.32 7.15 -13.60
CA VAL A 350 -3.78 7.66 -14.84
C VAL A 350 -4.38 6.94 -16.05
N TYR A 351 -4.73 5.66 -15.93
CA TYR A 351 -5.36 4.95 -17.03
C TYR A 351 -6.82 5.38 -17.22
N ALA A 352 -7.47 5.82 -16.14
CA ALA A 352 -8.85 6.28 -16.17
C ALA A 352 -8.93 7.76 -15.83
N TRP A 353 -8.04 8.56 -16.43
CA TRP A 353 -7.91 9.96 -16.08
C TRP A 353 -9.22 10.70 -16.28
N ASN A 354 -9.48 11.65 -15.39
CA ASN A 354 -10.76 12.36 -15.33
C ASN A 354 -10.65 13.67 -16.08
N ARG A 355 -11.50 13.85 -17.09
CA ARG A 355 -11.56 15.08 -17.86
C ARG A 355 -12.74 15.92 -17.38
N LYS A 356 -12.48 17.21 -17.16
CA LYS A 356 -13.51 18.15 -16.72
C LYS A 356 -13.60 19.27 -17.74
N ARG A 357 -14.80 19.51 -18.25
CA ARG A 357 -15.03 20.61 -19.17
C ARG A 357 -15.31 21.87 -18.36
N ILE A 358 -14.46 22.88 -18.52
CA ILE A 358 -14.57 24.14 -17.79
C ILE A 358 -15.01 25.20 -18.78
N SER A 359 -16.18 25.79 -18.54
CA SER A 359 -16.74 26.78 -19.44
C SER A 359 -17.67 27.70 -18.67
N ASN A 360 -17.99 28.84 -19.30
CA ASN A 360 -18.92 29.83 -18.76
C ASN A 360 -18.47 30.32 -17.38
N CYS A 361 -17.18 30.63 -17.28
CA CYS A 361 -16.65 31.24 -16.06
C CYS A 361 -15.41 32.05 -16.39
N VAL A 362 -15.06 32.94 -15.47
CA VAL A 362 -13.87 33.76 -15.59
C VAL A 362 -12.74 33.03 -14.88
N ALA A 363 -11.71 32.66 -15.63
CA ALA A 363 -10.59 31.89 -15.10
C ALA A 363 -9.41 32.83 -14.86
N ASP A 364 -8.82 32.74 -13.67
CA ASP A 364 -7.70 33.58 -13.28
C ASP A 364 -6.51 32.66 -13.02
N TYR A 365 -5.64 32.54 -14.01
CA TYR A 365 -4.52 31.60 -13.94
C TYR A 365 -3.31 32.16 -13.21
N SER A 366 -3.31 33.46 -12.91
CA SER A 366 -2.13 34.06 -12.29
C SER A 366 -1.95 33.57 -10.85
N VAL A 367 -3.05 33.38 -10.12
CA VAL A 367 -2.92 32.84 -8.77
C VAL A 367 -2.46 31.38 -8.81
N LEU A 368 -2.85 30.65 -9.87
CA LEU A 368 -2.33 29.30 -10.05
C LEU A 368 -0.84 29.31 -10.29
N TYR A 369 -0.37 30.20 -11.18
CA TYR A 369 1.06 30.26 -11.49
C TYR A 369 1.87 30.73 -10.29
N ASN A 370 1.34 31.68 -9.53
CA ASN A 370 2.05 32.27 -8.40
C ASN A 370 1.91 31.43 -7.13
N SER A 371 1.16 30.35 -7.16
CA SER A 371 1.12 29.41 -6.04
C SER A 371 2.41 28.60 -6.02
N ALA A 372 3.01 28.51 -4.84
CA ALA A 372 4.30 27.84 -4.67
C ALA A 372 4.18 26.35 -4.42
N SER A 373 2.96 25.82 -4.34
CA SER A 373 2.78 24.41 -4.05
C SER A 373 3.12 23.54 -5.27
N PHE A 374 2.94 24.08 -6.47
CA PHE A 374 3.12 23.29 -7.68
C PHE A 374 4.60 23.13 -8.00
N SER A 375 5.06 21.88 -8.07
CA SER A 375 6.44 21.61 -8.48
C SER A 375 6.63 21.77 -9.97
N THR A 376 5.59 21.51 -10.76
CA THR A 376 5.65 21.58 -12.22
C THR A 376 4.52 22.47 -12.71
N PHE A 377 4.85 23.50 -13.48
CA PHE A 377 3.86 24.36 -14.11
C PHE A 377 4.30 24.71 -15.54
N LYS A 378 4.74 23.70 -16.28
CA LYS A 378 5.13 23.93 -17.66
C LYS A 378 3.92 24.36 -18.49
N CYS A 379 4.15 25.32 -19.38
CA CYS A 379 3.11 25.84 -20.25
C CYS A 379 3.59 25.73 -21.69
N TYR A 380 2.78 25.09 -22.53
CA TYR A 380 3.12 24.87 -23.94
C TYR A 380 2.16 25.66 -24.82
N GLY A 381 2.73 26.45 -25.73
CA GLY A 381 1.95 27.23 -26.66
C GLY A 381 1.38 28.52 -26.10
N VAL A 382 1.43 28.72 -24.79
CA VAL A 382 0.96 29.94 -24.15
C VAL A 382 2.03 30.38 -23.15
N SER A 383 1.79 31.49 -22.46
CA SER A 383 2.67 31.94 -21.38
C SER A 383 1.83 32.10 -20.12
N PRO A 384 2.33 31.65 -18.96
CA PRO A 384 1.51 31.74 -17.74
C PRO A 384 1.13 33.16 -17.36
N THR A 385 2.00 34.13 -17.61
CA THR A 385 1.70 35.53 -17.31
C THR A 385 0.84 36.19 -18.38
N LYS A 386 0.71 35.56 -19.55
CA LYS A 386 -0.14 36.07 -20.62
C LYS A 386 -1.54 35.46 -20.59
N LEU A 387 -1.74 34.35 -19.86
CA LEU A 387 -2.99 33.62 -19.89
C LEU A 387 -4.18 34.45 -19.42
N ASN A 388 -3.95 35.52 -18.67
CA ASN A 388 -5.04 36.35 -18.17
C ASN A 388 -5.59 37.29 -19.23
N ASP A 389 -5.09 37.24 -20.46
CA ASP A 389 -5.54 38.10 -21.54
C ASP A 389 -6.32 37.36 -22.62
N LEU A 390 -5.92 36.13 -22.96
CA LEU A 390 -6.63 35.39 -24.00
C LEU A 390 -7.96 34.87 -23.49
N CYS A 391 -8.89 34.66 -24.42
CA CYS A 391 -10.19 34.08 -24.13
C CYS A 391 -10.33 32.79 -24.92
N PHE A 392 -10.66 31.70 -24.22
CA PHE A 392 -10.83 30.40 -24.83
C PHE A 392 -12.28 29.95 -24.71
N THR A 393 -12.77 29.30 -25.76
CA THR A 393 -14.16 28.83 -25.75
C THR A 393 -14.36 27.69 -24.76
N ASN A 394 -13.34 26.86 -24.55
CA ASN A 394 -13.43 25.76 -23.60
C ASN A 394 -12.06 25.52 -22.99
N VAL A 395 -12.06 25.09 -21.73
CA VAL A 395 -10.86 24.64 -21.04
C VAL A 395 -11.14 23.26 -20.47
N TYR A 396 -10.23 22.33 -20.74
CA TYR A 396 -10.37 20.95 -20.27
C TYR A 396 -9.30 20.69 -19.22
N ALA A 397 -9.73 20.18 -18.06
CA ALA A 397 -8.82 19.92 -16.95
C ALA A 397 -8.78 18.42 -16.70
N ASP A 398 -7.72 17.77 -17.18
CA ASP A 398 -7.52 16.35 -16.99
C ASP A 398 -6.67 16.14 -15.74
N SER A 399 -7.18 15.37 -14.79
CA SER A 399 -6.54 15.18 -13.50
C SER A 399 -6.31 13.70 -13.23
N PHE A 400 -5.11 13.36 -12.77
CA PHE A 400 -4.74 11.99 -12.48
C PHE A 400 -3.52 11.99 -11.56
N VAL A 401 -3.23 10.82 -11.01
CA VAL A 401 -2.10 10.65 -10.09
C VAL A 401 -1.10 9.69 -10.73
N ILE A 402 0.16 10.11 -10.78
CA ILE A 402 1.26 9.27 -11.24
C ILE A 402 2.38 9.32 -10.21
N ARG A 403 3.49 8.65 -10.51
CA ARG A 403 4.67 8.70 -9.67
C ARG A 403 5.46 9.98 -9.94
N GLY A 404 6.44 10.25 -9.09
CA GLY A 404 7.31 11.39 -9.29
C GLY A 404 8.18 11.26 -10.51
N ASP A 405 8.65 10.04 -10.78
CA ASP A 405 9.54 9.78 -11.90
C ASP A 405 8.83 9.85 -13.25
N GLU A 406 7.50 9.79 -13.27
CA GLU A 406 6.75 9.74 -14.52
C GLU A 406 6.11 11.06 -14.88
N VAL A 407 6.35 12.13 -14.12
CA VAL A 407 5.86 13.45 -14.48
C VAL A 407 6.59 14.00 -15.70
N ARG A 408 7.81 13.52 -15.96
CA ARG A 408 8.54 13.90 -17.17
C ARG A 408 7.90 13.37 -18.44
N GLN A 409 6.96 12.44 -18.33
CA GLN A 409 6.28 11.85 -19.47
C GLN A 409 4.96 12.54 -19.81
N ILE A 410 4.66 13.66 -19.16
CA ILE A 410 3.42 14.38 -19.41
C ILE A 410 3.75 15.62 -20.22
N ALA A 411 4.83 15.54 -21.00
CA ALA A 411 5.19 16.55 -21.98
C ALA A 411 4.96 15.98 -23.36
N PRO A 412 4.64 16.84 -24.34
CA PRO A 412 4.44 16.36 -25.71
C PRO A 412 5.71 15.71 -26.27
N GLY A 413 5.51 14.64 -27.04
CA GLY A 413 6.62 13.94 -27.65
C GLY A 413 7.43 13.04 -26.75
N GLN A 414 6.86 12.61 -25.62
CA GLN A 414 7.57 11.78 -24.65
C GLN A 414 7.20 10.32 -24.86
N THR A 415 8.01 9.45 -24.24
CA THR A 415 7.83 8.01 -24.32
C THR A 415 7.94 7.40 -22.93
N GLY A 416 7.26 6.28 -22.74
CA GLY A 416 7.25 5.61 -21.46
C GLY A 416 5.92 4.90 -21.27
N LYS A 417 5.82 4.21 -20.13
CA LYS A 417 4.60 3.46 -19.84
C LYS A 417 3.40 4.38 -19.67
N ILE A 418 3.61 5.59 -19.16
CA ILE A 418 2.51 6.52 -18.96
C ILE A 418 2.18 7.25 -20.25
N ALA A 419 3.20 7.69 -20.99
CA ALA A 419 2.98 8.44 -22.21
C ALA A 419 2.56 7.56 -23.39
N ASP A 420 2.64 6.25 -23.26
CA ASP A 420 2.26 5.35 -24.35
C ASP A 420 0.95 4.63 -24.11
N TYR A 421 0.67 4.22 -22.87
CA TYR A 421 -0.47 3.37 -22.59
C TYR A 421 -1.52 4.00 -21.68
N ASN A 422 -1.20 5.10 -21.00
CA ASN A 422 -2.12 5.67 -20.02
C ASN A 422 -2.62 7.05 -20.42
N TYR A 423 -1.72 8.00 -20.70
CA TYR A 423 -2.12 9.37 -21.03
C TYR A 423 -1.15 9.92 -22.05
N LYS A 424 -1.64 10.21 -23.26
CA LYS A 424 -0.83 10.75 -24.33
C LYS A 424 -1.18 12.20 -24.59
N LEU A 425 -0.16 13.04 -24.69
CA LEU A 425 -0.29 14.43 -25.08
C LEU A 425 0.15 14.62 -26.52
N PRO A 426 -0.65 15.29 -27.35
CA PRO A 426 -0.24 15.54 -28.73
C PRO A 426 0.98 16.45 -28.80
N ASP A 427 1.75 16.28 -29.88
CA ASP A 427 2.89 17.15 -30.14
C ASP A 427 2.45 18.58 -30.48
N ASP A 428 1.18 18.79 -30.82
CA ASP A 428 0.63 20.11 -31.06
C ASP A 428 -0.09 20.64 -29.83
N PHE A 429 0.39 20.28 -28.64
CA PHE A 429 -0.29 20.65 -27.41
C PHE A 429 -0.20 22.14 -27.14
N THR A 430 -1.31 22.72 -26.71
CA THR A 430 -1.37 24.09 -26.23
C THR A 430 -2.10 24.10 -24.90
N GLY A 431 -1.38 24.41 -23.83
CA GLY A 431 -1.95 24.39 -22.50
C GLY A 431 -0.88 24.20 -21.45
N CYS A 432 -1.34 24.10 -20.21
CA CYS A 432 -0.45 23.97 -19.07
C CYS A 432 -0.49 22.55 -18.50
N VAL A 433 0.66 22.10 -18.03
CA VAL A 433 0.78 20.85 -17.29
C VAL A 433 1.20 21.22 -15.87
N ILE A 434 0.31 20.99 -14.91
CA ILE A 434 0.54 21.35 -13.52
C ILE A 434 0.63 20.08 -12.68
N ALA A 435 1.70 19.96 -11.90
CA ALA A 435 1.89 18.80 -11.05
C ALA A 435 2.45 19.25 -9.71
N TRP A 436 2.01 18.58 -8.64
CA TRP A 436 2.50 18.86 -7.30
C TRP A 436 2.58 17.55 -6.53
N ASN A 437 3.44 17.52 -5.52
CA ASN A 437 3.61 16.34 -4.70
C ASN A 437 2.40 16.17 -3.78
N SER A 438 1.80 14.98 -3.80
CA SER A 438 0.65 14.70 -2.95
C SER A 438 0.94 13.53 -2.04
N ASN A 439 2.15 13.48 -1.47
CA ASN A 439 2.51 12.42 -0.54
C ASN A 439 1.72 12.48 0.76
N ASN A 440 1.19 13.64 1.12
CA ASN A 440 0.40 13.81 2.32
C ASN A 440 -1.06 13.44 2.11
N LEU A 441 -1.46 13.15 0.88
CA LEU A 441 -2.85 12.89 0.56
C LEU A 441 -3.05 11.50 -0.03
N ASP A 442 -2.08 11.03 -0.82
CA ASP A 442 -2.23 9.80 -1.59
C ASP A 442 -1.38 8.65 -1.05
N SER A 443 -0.59 8.89 -0.01
CA SER A 443 0.30 7.87 0.54
C SER A 443 -0.27 7.38 1.87
N LYS A 444 -0.38 6.07 2.00
CA LYS A 444 -0.80 5.43 3.23
C LYS A 444 0.38 4.70 3.85
N VAL A 445 0.43 4.68 5.18
CA VAL A 445 1.58 4.10 5.88
C VAL A 445 1.74 2.63 5.51
N GLY A 446 0.65 1.87 5.50
CA GLY A 446 0.72 0.49 5.08
C GLY A 446 0.80 0.27 3.59
N GLY A 447 0.57 1.31 2.79
CA GLY A 447 0.57 1.19 1.35
C GLY A 447 -0.77 1.51 0.74
N ASN A 448 -0.78 2.44 -0.21
CA ASN A 448 -2.00 2.88 -0.88
C ASN A 448 -2.04 2.28 -2.28
N TYR A 449 -2.89 1.27 -2.47
CA TYR A 449 -3.01 0.56 -3.73
C TYR A 449 -4.26 0.96 -4.51
N ASN A 450 -4.82 2.13 -4.21
CA ASN A 450 -6.03 2.61 -4.88
C ASN A 450 -5.76 3.19 -6.26
N TYR A 451 -4.49 3.43 -6.60
CA TYR A 451 -4.14 4.05 -7.87
C TYR A 451 -3.48 3.02 -8.77
N LEU A 452 -3.95 2.93 -10.01
CA LEU A 452 -3.51 1.93 -10.96
C LEU A 452 -3.01 2.59 -12.24
N TYR A 453 -2.26 1.82 -13.02
CA TYR A 453 -1.82 2.24 -14.34
C TYR A 453 -1.83 1.03 -15.26
N ARG A 454 -1.92 1.28 -16.55
CA ARG A 454 -1.94 0.20 -17.54
C ARG A 454 -0.51 -0.23 -17.84
N LEU A 455 -0.16 -1.45 -17.42
CA LEU A 455 1.18 -1.98 -17.65
C LEU A 455 1.31 -2.55 -19.05
N PHE A 456 0.29 -3.28 -19.51
CA PHE A 456 0.36 -3.98 -20.79
C PHE A 456 -0.63 -3.36 -21.77
N ARG A 457 -0.14 -3.08 -22.97
CA ARG A 457 -0.99 -2.66 -24.08
C ARG A 457 -0.26 -2.97 -25.38
N LYS A 458 -1.02 -3.18 -26.44
CA LYS A 458 -0.48 -3.61 -27.71
C LYS A 458 0.03 -2.45 -28.54
N SER A 459 -0.64 -1.30 -28.50
CA SER A 459 -0.25 -0.16 -29.32
C SER A 459 -0.27 1.10 -28.47
N ASN A 460 0.47 2.10 -28.94
CA ASN A 460 0.52 3.38 -28.23
C ASN A 460 -0.85 4.07 -28.29
N LEU A 461 -1.18 4.76 -27.21
CA LEU A 461 -2.42 5.53 -27.17
C LEU A 461 -2.37 6.69 -28.16
N LYS A 462 -3.50 6.96 -28.78
CA LYS A 462 -3.64 8.17 -29.56
C LYS A 462 -3.74 9.36 -28.60
N PRO A 463 -3.38 10.56 -29.06
CA PRO A 463 -3.41 11.73 -28.16
C PRO A 463 -4.81 11.95 -27.59
N PHE A 464 -4.86 12.22 -26.28
CA PHE A 464 -6.11 12.43 -25.56
C PHE A 464 -7.07 11.25 -25.73
N GLU A 465 -6.53 10.04 -25.70
CA GLU A 465 -7.33 8.83 -25.71
C GLU A 465 -7.30 8.17 -24.34
N ARG A 466 -8.42 7.57 -23.96
CA ARG A 466 -8.56 6.90 -22.68
C ARG A 466 -8.95 5.45 -22.92
N ASP A 467 -8.21 4.52 -22.31
CA ASP A 467 -8.44 3.09 -22.47
C ASP A 467 -8.68 2.51 -21.08
N ILE A 468 -9.95 2.24 -20.76
CA ILE A 468 -10.34 1.74 -19.46
C ILE A 468 -10.74 0.27 -19.50
N SER A 469 -10.53 -0.41 -20.62
CA SER A 469 -10.85 -1.82 -20.72
C SER A 469 -9.94 -2.65 -19.81
N THR A 470 -10.51 -3.69 -19.21
CA THR A 470 -9.78 -4.54 -18.28
C THR A 470 -9.71 -5.98 -18.79
N GLU A 471 -9.74 -6.17 -20.11
CA GLU A 471 -9.62 -7.51 -20.67
C GLU A 471 -8.20 -8.02 -20.51
N ILE A 472 -8.08 -9.34 -20.33
CA ILE A 472 -6.79 -9.95 -20.04
C ILE A 472 -5.88 -9.80 -21.26
N TYR A 473 -4.65 -9.34 -21.01
CA TYR A 473 -3.68 -9.15 -22.07
C TYR A 473 -3.12 -10.48 -22.55
N GLN A 474 -3.04 -10.64 -23.87
CA GLN A 474 -2.67 -11.93 -24.43
C GLN A 474 -1.18 -12.23 -24.27
N ALA A 475 -0.32 -11.41 -24.88
CA ALA A 475 1.13 -11.51 -24.72
C ALA A 475 1.70 -12.83 -25.19
N GLY A 476 0.87 -13.69 -25.78
CA GLY A 476 1.31 -15.00 -26.19
C GLY A 476 0.45 -15.54 -27.33
N SER A 477 0.78 -16.75 -27.76
CA SER A 477 0.06 -17.35 -28.88
C SER A 477 -1.33 -17.82 -28.49
N THR A 478 -1.46 -18.46 -27.32
CA THR A 478 -2.72 -19.05 -26.94
C THR A 478 -3.73 -17.96 -26.57
N PRO A 479 -5.01 -18.14 -26.91
CA PRO A 479 -6.02 -17.16 -26.52
C PRO A 479 -6.22 -17.15 -25.01
N CYS A 480 -6.58 -15.97 -24.49
CA CYS A 480 -6.73 -15.82 -23.05
C CYS A 480 -8.01 -16.47 -22.56
N ASN A 481 -9.12 -16.28 -23.29
CA ASN A 481 -10.43 -16.76 -22.88
C ASN A 481 -10.86 -16.16 -21.54
N GLY A 482 -10.35 -14.98 -21.21
CA GLY A 482 -10.73 -14.30 -19.98
C GLY A 482 -10.16 -14.87 -18.71
N VAL A 483 -9.10 -15.67 -18.80
CA VAL A 483 -8.49 -16.31 -17.63
C VAL A 483 -7.03 -15.88 -17.56
N GLU A 484 -6.61 -15.41 -16.39
CA GLU A 484 -5.22 -15.05 -16.15
C GLU A 484 -4.42 -16.31 -15.90
N GLY A 485 -3.51 -16.63 -16.81
CA GLY A 485 -2.70 -17.83 -16.72
C GLY A 485 -1.22 -17.50 -16.80
N PHE A 486 -0.50 -18.33 -17.54
CA PHE A 486 0.95 -18.15 -17.67
C PHE A 486 1.26 -16.89 -18.47
N ASN A 487 0.82 -16.84 -19.72
CA ASN A 487 1.10 -15.71 -20.60
C ASN A 487 0.00 -14.66 -20.61
N CYS A 488 -1.13 -14.93 -19.95
CA CYS A 488 -2.26 -14.01 -19.92
C CYS A 488 -2.23 -13.21 -18.63
N TYR A 489 -2.19 -11.89 -18.74
CA TYR A 489 -1.96 -11.01 -17.60
C TYR A 489 -3.04 -9.95 -17.52
N PHE A 490 -3.35 -9.55 -16.29
CA PHE A 490 -4.25 -8.42 -16.08
C PHE A 490 -3.53 -7.14 -16.49
N PRO A 491 -4.12 -6.34 -17.39
CA PRO A 491 -3.37 -5.18 -17.93
C PRO A 491 -2.98 -4.14 -16.90
N LEU A 492 -3.79 -3.93 -15.87
CA LEU A 492 -3.58 -2.84 -14.93
C LEU A 492 -2.73 -3.27 -13.75
N GLN A 493 -1.68 -2.50 -13.48
CA GLN A 493 -0.87 -2.65 -12.28
C GLN A 493 -1.15 -1.49 -11.34
N SER A 494 -0.85 -1.70 -10.06
CA SER A 494 -1.16 -0.74 -9.01
C SER A 494 0.09 -0.07 -8.50
N TYR A 495 -0.01 1.24 -8.25
CA TYR A 495 1.05 1.98 -7.59
C TYR A 495 1.10 1.62 -6.11
N GLY A 496 2.30 1.37 -5.59
CA GLY A 496 2.47 1.22 -4.16
C GLY A 496 2.94 2.51 -3.55
N PHE A 497 2.02 3.29 -2.98
CA PHE A 497 2.34 4.61 -2.46
C PHE A 497 2.43 4.53 -0.94
N GLN A 498 3.62 4.82 -0.41
CA GLN A 498 3.87 4.90 1.01
C GLN A 498 4.61 6.19 1.33
N PRO A 499 4.39 6.78 2.51
CA PRO A 499 5.05 8.06 2.81
C PRO A 499 6.56 7.96 2.94
N THR A 500 7.11 6.76 3.09
CA THR A 500 8.54 6.57 3.24
C THR A 500 9.25 6.31 1.91
N ASN A 501 8.52 6.34 0.80
CA ASN A 501 9.14 6.16 -0.50
C ASN A 501 9.96 7.40 -0.88
N GLY A 502 10.86 7.21 -1.84
CA GLY A 502 11.65 8.31 -2.32
C GLY A 502 10.82 9.30 -3.10
N VAL A 503 11.38 10.50 -3.28
CA VAL A 503 10.64 11.57 -3.96
C VAL A 503 10.31 11.21 -5.39
N GLY A 504 11.06 10.29 -6.00
CA GLY A 504 10.73 9.81 -7.33
C GLY A 504 9.73 8.68 -7.36
N TYR A 505 9.40 8.10 -6.22
CA TYR A 505 8.40 7.05 -6.12
C TYR A 505 7.17 7.49 -5.34
N GLN A 506 7.08 8.75 -4.95
CA GLN A 506 5.97 9.33 -4.22
C GLN A 506 4.89 9.82 -5.18
N PRO A 507 3.64 9.85 -4.74
CA PRO A 507 2.56 10.27 -5.65
C PRO A 507 2.66 11.73 -6.03
N TYR A 508 2.30 12.02 -7.27
CA TYR A 508 2.21 13.38 -7.79
C TYR A 508 0.88 13.55 -8.47
N ARG A 509 0.16 14.62 -8.12
CA ARG A 509 -1.14 14.92 -8.71
C ARG A 509 -0.93 15.84 -9.89
N VAL A 510 -1.38 15.41 -11.06
CA VAL A 510 -1.18 16.14 -12.31
C VAL A 510 -2.50 16.69 -12.81
N VAL A 511 -2.52 17.96 -13.18
CA VAL A 511 -3.66 18.60 -13.81
C VAL A 511 -3.18 19.16 -15.13
N VAL A 512 -3.77 18.70 -16.23
CA VAL A 512 -3.40 19.14 -17.57
C VAL A 512 -4.53 20.01 -18.10
N LEU A 513 -4.25 21.30 -18.27
CA LEU A 513 -5.25 22.22 -18.80
C LEU A 513 -5.06 22.34 -20.31
N SER A 514 -6.09 21.96 -21.07
CA SER A 514 -6.08 22.08 -22.52
C SER A 514 -6.97 23.25 -22.91
N PHE A 515 -6.40 24.20 -23.65
CA PHE A 515 -7.10 25.41 -24.04
C PHE A 515 -7.62 25.24 -25.46
N GLU A 516 -8.94 25.07 -25.59
CA GLU A 516 -9.57 24.86 -26.88
C GLU A 516 -10.05 26.19 -27.43
N LEU A 517 -9.78 26.43 -28.72
CA LEU A 517 -10.15 27.66 -29.41
C LEU A 517 -10.87 27.27 -30.70
N LEU A 518 -12.19 27.20 -30.65
CA LEU A 518 -13.01 26.87 -31.81
C LEU A 518 -13.63 28.14 -32.38
N HIS A 519 -14.49 27.96 -33.38
CA HIS A 519 -15.23 29.07 -33.98
C HIS A 519 -16.58 29.24 -33.27
N ALA A 520 -16.49 29.48 -31.97
CA ALA A 520 -17.64 29.65 -31.09
C ALA A 520 -17.37 30.83 -30.18
N PRO A 521 -18.41 31.44 -29.61
CA PRO A 521 -18.20 32.55 -28.68
C PRO A 521 -17.35 32.12 -27.49
N ALA A 522 -16.43 33.00 -27.10
CA ALA A 522 -15.53 32.69 -25.99
C ALA A 522 -16.29 32.68 -24.67
N THR A 523 -16.01 31.68 -23.84
CA THR A 523 -16.65 31.55 -22.54
C THR A 523 -15.66 31.69 -21.40
N VAL A 524 -14.50 31.03 -21.47
CA VAL A 524 -13.49 31.11 -20.43
C VAL A 524 -12.59 32.29 -20.78
N CYS A 525 -12.55 33.29 -19.89
CA CYS A 525 -11.83 34.53 -20.14
C CYS A 525 -11.05 34.95 -18.91
N GLY A 526 -10.03 35.78 -19.14
CA GLY A 526 -9.24 36.33 -18.06
C GLY A 526 -10.02 37.36 -17.26
N PRO A 527 -9.54 37.67 -16.06
CA PRO A 527 -10.30 38.56 -15.17
C PRO A 527 -10.07 40.03 -15.47
N LYS A 528 -10.13 40.42 -16.74
CA LYS A 528 -9.98 41.83 -17.10
C LYS A 528 -11.35 42.47 -17.23
N LYS A 529 -11.51 43.63 -16.58
CA LYS A 529 -12.77 44.34 -16.52
C LYS A 529 -12.83 45.37 -17.64
N SER A 530 -13.87 45.29 -18.46
CA SER A 530 -14.05 46.23 -19.56
C SER A 530 -15.51 46.23 -20.02
N GLU B 1 19.07 8.15 -11.24
CA GLU B 1 19.66 6.86 -11.58
C GLU B 1 19.68 5.94 -10.38
N ILE B 2 19.02 4.80 -10.51
CA ILE B 2 18.96 3.80 -9.44
C ILE B 2 20.25 2.99 -9.46
N VAL B 3 20.88 2.86 -8.30
CA VAL B 3 22.10 2.08 -8.14
C VAL B 3 21.83 1.01 -7.09
N LEU B 4 22.09 -0.25 -7.45
CA LEU B 4 21.91 -1.38 -6.55
C LEU B 4 23.27 -1.87 -6.08
N THR B 5 23.39 -2.07 -4.76
CA THR B 5 24.62 -2.57 -4.17
C THR B 5 24.31 -3.80 -3.34
N GLN B 6 25.04 -4.88 -3.61
CA GLN B 6 24.89 -6.13 -2.86
C GLN B 6 26.02 -6.21 -1.84
N SER B 7 25.65 -6.21 -0.56
CA SER B 7 26.64 -6.07 0.50
C SER B 7 27.67 -7.19 0.54
N PRO B 8 27.30 -8.47 0.58
CA PRO B 8 28.33 -9.52 0.63
C PRO B 8 28.84 -9.84 -0.77
N GLY B 9 30.12 -9.56 -1.02
CA GLY B 9 30.70 -9.93 -2.31
C GLY B 9 30.76 -11.44 -2.50
N THR B 10 31.15 -12.17 -1.47
CA THR B 10 31.17 -13.63 -1.50
C THR B 10 30.65 -14.14 -0.17
N LEU B 11 29.65 -15.01 -0.21
CA LEU B 11 29.02 -15.57 0.98
C LEU B 11 29.38 -17.06 1.04
N SER B 12 30.37 -17.39 1.86
CA SER B 12 30.86 -18.75 2.00
C SER B 12 30.20 -19.41 3.21
N LEU B 13 29.55 -20.54 2.98
CA LEU B 13 28.85 -21.25 4.05
C LEU B 13 28.52 -22.66 3.58
N SER B 14 28.51 -23.59 4.54
CA SER B 14 28.38 -25.00 4.23
C SER B 14 26.96 -25.32 3.78
N PRO B 15 26.78 -26.41 3.00
CA PRO B 15 25.43 -26.83 2.64
C PRO B 15 24.60 -27.20 3.86
N GLY B 16 23.30 -26.97 3.75
CA GLY B 16 22.38 -27.19 4.85
C GLY B 16 22.13 -25.97 5.72
N GLU B 17 22.99 -24.97 5.64
CA GLU B 17 22.80 -23.75 6.42
C GLU B 17 21.81 -22.84 5.69
N ARG B 18 21.67 -21.61 6.18
CA ARG B 18 20.76 -20.63 5.61
C ARG B 18 21.57 -19.47 5.04
N ALA B 19 21.27 -19.11 3.80
CA ALA B 19 21.94 -18.01 3.12
C ALA B 19 21.03 -16.79 3.10
N THR B 20 21.58 -15.64 3.48
CA THR B 20 20.83 -14.38 3.52
C THR B 20 21.59 -13.36 2.67
N LEU B 21 21.16 -13.22 1.42
CA LEU B 21 21.73 -12.22 0.53
C LEU B 21 20.99 -10.89 0.71
N SER B 22 21.67 -9.80 0.33
CA SER B 22 21.14 -8.47 0.59
C SER B 22 21.35 -7.57 -0.61
N CYS B 23 20.38 -6.70 -0.86
CA CYS B 23 20.45 -5.66 -1.87
C CYS B 23 20.09 -4.32 -1.24
N ARG B 24 20.82 -3.27 -1.60
CA ARG B 24 20.62 -1.93 -1.04
C ARG B 24 20.39 -0.96 -2.20
N VAL B 25 19.15 -0.49 -2.33
CA VAL B 25 18.81 0.47 -3.37
C VAL B 25 19.26 1.87 -2.94
N SER B 26 19.66 2.68 -3.91
CA SER B 26 20.14 4.02 -3.60
C SER B 26 19.04 4.89 -3.01
N GLN B 27 17.82 4.77 -3.52
CA GLN B 27 16.68 5.52 -3.01
C GLN B 27 15.54 4.54 -2.74
N SER B 28 14.63 4.96 -1.86
CA SER B 28 13.53 4.09 -1.44
C SER B 28 12.57 3.88 -2.61
N VAL B 29 12.44 2.63 -3.04
CA VAL B 29 11.59 2.26 -4.16
C VAL B 29 10.46 1.37 -3.65
N SER B 30 9.41 1.26 -4.47
CA SER B 30 8.31 0.37 -4.13
C SER B 30 8.78 -1.08 -4.14
N SER B 31 8.21 -1.87 -3.25
CA SER B 31 8.65 -3.25 -3.07
C SER B 31 8.39 -4.12 -4.30
N ASN B 32 7.42 -3.74 -5.14
CA ASN B 32 7.08 -4.54 -6.30
C ASN B 32 8.05 -4.38 -7.46
N SER B 33 9.11 -3.60 -7.29
CA SER B 33 10.04 -3.28 -8.36
C SER B 33 11.44 -3.84 -8.11
N LEU B 34 11.53 -5.04 -7.55
CA LEU B 34 12.82 -5.66 -7.30
C LEU B 34 12.70 -7.17 -7.44
N ALA B 35 13.65 -7.77 -8.15
CA ALA B 35 13.64 -9.20 -8.43
C ALA B 35 15.03 -9.78 -8.16
N TRP B 36 15.08 -11.10 -7.99
CA TRP B 36 16.33 -11.81 -7.72
C TRP B 36 16.54 -12.88 -8.77
N TYR B 37 17.78 -13.01 -9.23
CA TYR B 37 18.15 -13.96 -10.27
C TYR B 37 19.30 -14.83 -9.81
N GLN B 38 19.33 -16.05 -10.31
CA GLN B 38 20.42 -16.99 -10.03
C GLN B 38 21.06 -17.39 -11.34
N GLN B 39 22.38 -17.31 -11.41
CA GLN B 39 23.13 -17.69 -12.60
C GLN B 39 24.17 -18.73 -12.23
N LYS B 40 23.91 -19.98 -12.57
CA LYS B 40 24.96 -20.98 -12.52
C LYS B 40 25.95 -20.72 -13.67
N PRO B 41 27.21 -21.08 -13.49
CA PRO B 41 28.23 -20.74 -14.51
C PRO B 41 27.87 -21.33 -15.86
N GLY B 42 28.07 -20.52 -16.90
CA GLY B 42 27.76 -20.94 -18.26
C GLY B 42 26.29 -21.21 -18.51
N GLN B 43 25.41 -20.39 -17.94
CA GLN B 43 23.97 -20.56 -18.09
C GLN B 43 23.31 -19.19 -18.08
N PRO B 44 22.13 -19.06 -18.70
CA PRO B 44 21.39 -17.81 -18.59
C PRO B 44 20.85 -17.64 -17.17
N PRO B 45 20.62 -16.41 -16.74
CA PRO B 45 20.05 -16.19 -15.40
C PRO B 45 18.65 -16.77 -15.30
N ARG B 46 18.30 -17.19 -14.08
CA ARG B 46 17.00 -17.78 -13.79
C ARG B 46 16.32 -16.93 -12.72
N LEU B 47 15.13 -16.42 -13.04
CA LEU B 47 14.40 -15.60 -12.08
C LEU B 47 13.94 -16.46 -10.91
N LEU B 48 14.23 -16.00 -9.70
CA LEU B 48 13.84 -16.70 -8.48
C LEU B 48 12.58 -16.11 -7.86
N ILE B 49 12.62 -14.83 -7.50
CA ILE B 49 11.49 -14.14 -6.90
C ILE B 49 11.38 -12.76 -7.52
N TYR B 50 10.16 -12.31 -7.81
CA TYR B 50 9.91 -10.98 -8.32
C TYR B 50 9.01 -10.21 -7.36
N GLY B 51 8.98 -8.89 -7.53
CA GLY B 51 8.23 -8.06 -6.61
C GLY B 51 8.75 -8.10 -5.20
N ALA B 52 9.97 -8.60 -5.02
CA ALA B 52 10.71 -8.72 -3.76
C ALA B 52 10.18 -9.80 -2.83
N SER B 53 9.01 -10.39 -3.11
CA SER B 53 8.54 -11.50 -2.28
C SER B 53 7.90 -12.62 -3.08
N SER B 54 7.54 -12.36 -4.34
CA SER B 54 6.72 -13.30 -5.11
C SER B 54 7.62 -14.28 -5.83
N ARG B 55 7.60 -15.54 -5.39
CA ARG B 55 8.38 -16.59 -6.00
C ARG B 55 7.93 -16.84 -7.44
N ALA B 56 8.90 -17.05 -8.33
CA ALA B 56 8.60 -17.38 -9.71
C ALA B 56 8.06 -18.81 -9.81
N THR B 57 7.46 -19.11 -10.95
CA THR B 57 6.86 -20.43 -11.16
C THR B 57 7.96 -21.48 -11.25
N GLY B 58 7.80 -22.57 -10.49
CA GLY B 58 8.78 -23.63 -10.45
C GLY B 58 9.88 -23.46 -9.43
N ILE B 59 9.95 -22.31 -8.77
CA ILE B 59 10.99 -22.08 -7.77
C ILE B 59 10.57 -22.74 -6.46
N PRO B 60 11.41 -23.57 -5.87
CA PRO B 60 11.01 -24.27 -4.64
C PRO B 60 10.80 -23.32 -3.48
N ASP B 61 9.99 -23.78 -2.51
CA ASP B 61 9.70 -22.99 -1.32
C ASP B 61 10.94 -22.62 -0.52
N ARG B 62 12.09 -23.22 -0.85
CA ARG B 62 13.34 -22.88 -0.16
C ARG B 62 13.70 -21.41 -0.36
N PHE B 63 13.58 -20.92 -1.58
CA PHE B 63 13.93 -19.53 -1.87
C PHE B 63 12.80 -18.61 -1.41
N SER B 64 13.16 -17.56 -0.68
CA SER B 64 12.17 -16.62 -0.16
C SER B 64 12.79 -15.24 -0.09
N GLY B 65 12.11 -14.25 -0.65
CA GLY B 65 12.56 -12.88 -0.61
C GLY B 65 11.71 -12.03 0.30
N SER B 66 12.27 -10.92 0.74
CA SER B 66 11.59 -10.00 1.66
C SER B 66 12.29 -8.65 1.56
N GLY B 67 11.89 -7.72 2.42
CA GLY B 67 12.49 -6.40 2.46
C GLY B 67 11.61 -5.37 1.78
N SER B 68 11.86 -4.11 2.13
CA SER B 68 11.13 -2.99 1.56
C SER B 68 11.99 -1.73 1.70
N GLY B 69 11.66 -0.73 0.88
CA GLY B 69 12.37 0.53 0.92
C GLY B 69 13.74 0.46 0.27
N THR B 70 14.79 0.57 1.07
CA THR B 70 16.17 0.57 0.59
C THR B 70 16.91 -0.68 1.02
N ASP B 71 16.20 -1.69 1.51
CA ASP B 71 16.85 -2.89 2.05
C ASP B 71 16.00 -4.09 1.69
N PHE B 72 16.52 -4.96 0.83
CA PHE B 72 15.85 -6.18 0.41
C PHE B 72 16.77 -7.37 0.65
N THR B 73 16.17 -8.54 0.88
CA THR B 73 16.95 -9.72 1.20
C THR B 73 16.39 -10.92 0.46
N LEU B 74 17.27 -11.88 0.19
CA LEU B 74 16.89 -13.18 -0.34
C LEU B 74 17.39 -14.26 0.61
N THR B 75 16.51 -15.19 0.95
CA THR B 75 16.83 -16.22 1.94
C THR B 75 16.72 -17.59 1.29
N ILE B 76 17.80 -18.36 1.38
CA ILE B 76 17.81 -19.76 0.96
C ILE B 76 17.92 -20.58 2.24
N ASN B 77 16.82 -21.24 2.62
CA ASN B 77 16.72 -21.81 3.95
C ASN B 77 17.65 -23.02 4.14
N ARG B 78 17.64 -23.95 3.19
CA ARG B 78 18.40 -25.19 3.31
C ARG B 78 19.25 -25.35 2.05
N LEU B 79 20.44 -24.76 2.07
CA LEU B 79 21.29 -24.71 0.90
C LEU B 79 21.64 -26.09 0.36
N GLU B 80 21.13 -26.40 -0.82
CA GLU B 80 21.48 -27.62 -1.53
C GLU B 80 22.78 -27.40 -2.30
N PRO B 81 23.46 -28.47 -2.70
CA PRO B 81 24.72 -28.31 -3.46
C PRO B 81 24.54 -27.61 -4.79
N GLU B 82 23.31 -27.51 -5.31
CA GLU B 82 23.05 -26.80 -6.56
C GLU B 82 22.61 -25.36 -6.36
N ASP B 83 22.56 -24.88 -5.11
CA ASP B 83 22.20 -23.51 -4.82
C ASP B 83 23.38 -22.57 -4.82
N PHE B 84 24.59 -23.07 -5.07
CA PHE B 84 25.80 -22.26 -4.99
C PHE B 84 26.08 -21.67 -6.37
N ALA B 85 25.66 -20.43 -6.57
CA ALA B 85 25.83 -19.73 -7.83
C ALA B 85 25.97 -18.24 -7.54
N VAL B 86 25.78 -17.42 -8.57
CA VAL B 86 25.86 -15.96 -8.44
C VAL B 86 24.44 -15.42 -8.48
N TYR B 87 24.12 -14.53 -7.53
CA TYR B 87 22.78 -14.00 -7.37
C TYR B 87 22.78 -12.51 -7.61
N TYR B 88 21.92 -12.05 -8.51
CA TYR B 88 21.78 -10.64 -8.85
C TYR B 88 20.42 -10.13 -8.42
N CYS B 89 20.39 -8.92 -7.87
CA CYS B 89 19.14 -8.22 -7.62
C CYS B 89 18.93 -7.20 -8.72
N GLN B 90 17.70 -7.11 -9.23
CA GLN B 90 17.36 -6.24 -10.34
C GLN B 90 16.24 -5.28 -9.94
N GLN B 91 16.38 -4.02 -10.34
CA GLN B 91 15.35 -3.02 -10.17
C GLN B 91 14.81 -2.61 -11.53
N TYR B 92 13.49 -2.53 -11.64
CA TYR B 92 12.85 -2.22 -12.92
C TYR B 92 11.72 -1.23 -12.71
N GLY B 93 11.52 -0.36 -13.70
CA GLY B 93 10.41 0.55 -13.70
C GLY B 93 10.79 2.01 -13.79
N SER B 94 11.85 2.40 -13.10
CA SER B 94 12.31 3.78 -13.06
C SER B 94 13.29 4.01 -14.20
N SER B 95 14.03 5.12 -14.16
CA SER B 95 15.12 5.37 -15.08
C SER B 95 16.44 5.05 -14.38
N PRO B 96 17.27 4.13 -14.91
CA PRO B 96 17.11 3.38 -16.17
C PRO B 96 16.06 2.28 -16.06
N PRO B 97 15.48 1.86 -17.19
CA PRO B 97 14.36 0.91 -17.13
C PRO B 97 14.70 -0.38 -16.41
N ILE B 98 15.93 -0.87 -16.52
CA ILE B 98 16.36 -2.07 -15.82
C ILE B 98 17.76 -1.83 -15.26
N THR B 99 17.94 -2.17 -13.98
CA THR B 99 19.23 -2.05 -13.31
C THR B 99 19.55 -3.40 -12.68
N PHE B 100 20.84 -3.74 -12.63
CA PHE B 100 21.29 -5.00 -12.07
C PHE B 100 22.32 -4.75 -10.98
N GLY B 101 22.30 -5.61 -9.96
CA GLY B 101 23.35 -5.60 -8.97
C GLY B 101 24.60 -6.28 -9.46
N GLN B 102 25.70 -6.05 -8.74
CA GLN B 102 26.98 -6.60 -9.17
C GLN B 102 27.06 -8.10 -8.96
N GLY B 103 26.19 -8.68 -8.13
CA GLY B 103 26.17 -10.12 -7.94
C GLY B 103 26.83 -10.58 -6.67
N THR B 104 26.23 -11.58 -6.01
CA THR B 104 26.80 -12.19 -4.81
C THR B 104 27.05 -13.66 -5.11
N ARG B 105 28.30 -14.09 -4.92
CA ARG B 105 28.68 -15.47 -5.17
C ARG B 105 28.59 -16.30 -3.90
N LEU B 106 27.97 -17.47 -4.02
CA LEU B 106 27.91 -18.44 -2.93
C LEU B 106 28.90 -19.56 -3.22
N GLU B 107 29.73 -19.88 -2.22
CA GLU B 107 30.75 -20.92 -2.36
C GLU B 107 30.68 -21.85 -1.14
N ILE B 108 31.05 -23.10 -1.36
CA ILE B 108 30.97 -24.11 -0.30
C ILE B 108 32.11 -23.89 0.69
N LYS B 109 31.76 -23.90 1.98
CA LYS B 109 32.74 -23.68 3.04
C LYS B 109 33.31 -25.02 3.50
N ARG B 110 34.62 -25.02 3.77
CA ARG B 110 35.31 -26.20 4.27
C ARG B 110 36.51 -25.75 5.08
N THR B 111 37.23 -26.73 5.64
CA THR B 111 38.41 -26.44 6.45
C THR B 111 39.49 -25.79 5.61
N VAL B 112 40.17 -24.81 6.19
CA VAL B 112 41.20 -24.07 5.47
C VAL B 112 42.37 -24.99 5.16
N ALA B 113 42.77 -25.01 3.88
CA ALA B 113 43.85 -25.86 3.41
C ALA B 113 44.99 -24.99 2.87
N ALA B 114 46.22 -25.36 3.20
CA ALA B 114 47.37 -24.62 2.72
C ALA B 114 47.58 -24.88 1.24
N PRO B 115 48.03 -23.87 0.48
CA PRO B 115 48.25 -24.05 -0.96
C PRO B 115 49.60 -24.69 -1.23
N SER B 116 49.60 -25.76 -2.03
CA SER B 116 50.82 -26.40 -2.48
C SER B 116 51.41 -25.54 -3.60
N VAL B 117 52.60 -25.02 -3.38
CA VAL B 117 53.17 -24.01 -4.26
C VAL B 117 54.20 -24.64 -5.18
N PHE B 118 54.13 -24.31 -6.46
CA PHE B 118 55.09 -24.76 -7.46
C PHE B 118 55.55 -23.58 -8.29
N ILE B 119 56.74 -23.69 -8.86
CA ILE B 119 57.30 -22.68 -9.75
C ILE B 119 57.93 -23.41 -10.94
N PHE B 120 57.75 -22.86 -12.14
CA PHE B 120 58.17 -23.53 -13.36
C PHE B 120 59.04 -22.60 -14.19
N PRO B 121 60.33 -22.90 -14.36
CA PRO B 121 61.16 -22.09 -15.26
C PRO B 121 60.73 -22.28 -16.70
N PRO B 122 60.92 -21.26 -17.55
CA PRO B 122 60.48 -21.37 -18.93
C PRO B 122 61.34 -22.37 -19.71
N SER B 123 60.71 -23.00 -20.70
CA SER B 123 61.40 -23.98 -21.52
C SER B 123 62.36 -23.29 -22.50
N ASP B 124 63.30 -24.09 -23.01
CA ASP B 124 64.28 -23.55 -23.95
C ASP B 124 63.62 -23.06 -25.23
N GLU B 125 62.64 -23.80 -25.74
CA GLU B 125 61.92 -23.36 -26.93
C GLU B 125 61.16 -22.06 -26.68
N GLN B 126 60.61 -21.91 -25.47
CA GLN B 126 59.95 -20.66 -25.10
C GLN B 126 60.94 -19.51 -25.09
N LEU B 127 62.15 -19.75 -24.56
CA LEU B 127 63.17 -18.71 -24.56
C LEU B 127 63.59 -18.34 -25.97
N LYS B 128 63.70 -19.33 -26.86
CA LYS B 128 64.09 -19.06 -28.23
C LYS B 128 63.08 -18.20 -28.97
N SER B 129 61.83 -18.17 -28.52
CA SER B 129 60.81 -17.34 -29.14
C SER B 129 60.92 -15.87 -28.77
N GLY B 130 61.75 -15.53 -27.78
CA GLY B 130 61.97 -14.16 -27.39
C GLY B 130 61.23 -13.71 -26.15
N THR B 131 60.27 -14.49 -25.68
CA THR B 131 59.49 -14.16 -24.49
C THR B 131 59.59 -15.29 -23.49
N ALA B 132 59.75 -14.95 -22.20
CA ALA B 132 59.88 -15.92 -21.13
C ALA B 132 58.71 -15.77 -20.17
N SER B 133 58.11 -16.90 -19.80
CA SER B 133 56.98 -16.92 -18.88
C SER B 133 57.27 -17.89 -17.75
N VAL B 134 57.12 -17.44 -16.52
CA VAL B 134 57.31 -18.25 -15.32
C VAL B 134 56.02 -18.22 -14.52
N VAL B 135 55.54 -19.39 -14.12
CA VAL B 135 54.23 -19.52 -13.49
C VAL B 135 54.39 -20.06 -12.08
N CYS B 136 53.44 -19.68 -11.21
CA CYS B 136 53.34 -20.20 -9.85
C CYS B 136 52.06 -21.03 -9.77
N LEU B 137 52.22 -22.33 -9.55
CA LEU B 137 51.06 -23.23 -9.52
C LEU B 137 50.65 -23.43 -8.06
N LEU B 138 49.52 -22.84 -7.69
CA LEU B 138 48.95 -23.05 -6.36
C LEU B 138 47.87 -24.11 -6.45
N ASN B 139 47.99 -25.16 -5.64
CA ASN B 139 47.15 -26.33 -5.78
C ASN B 139 46.35 -26.58 -4.50
N ASN B 140 45.03 -26.66 -4.65
CA ASN B 140 44.13 -27.17 -3.61
C ASN B 140 44.22 -26.35 -2.32
N PHE B 141 43.83 -25.08 -2.42
CA PHE B 141 43.64 -24.22 -1.26
C PHE B 141 42.18 -23.77 -1.25
N TYR B 142 41.54 -23.81 -0.08
CA TYR B 142 40.12 -23.48 -0.04
C TYR B 142 39.88 -21.97 -0.10
N PRO B 143 40.46 -21.15 0.78
CA PRO B 143 40.16 -19.71 0.73
C PRO B 143 40.69 -19.10 -0.56
N ARG B 144 39.77 -18.59 -1.38
CA ARG B 144 40.16 -18.02 -2.67
C ARG B 144 41.11 -16.84 -2.50
N GLU B 145 40.96 -16.08 -1.41
CA GLU B 145 41.84 -14.96 -1.16
C GLU B 145 43.28 -15.41 -0.99
N ALA B 146 44.13 -15.09 -1.96
CA ALA B 146 45.53 -15.47 -1.90
C ALA B 146 46.31 -14.51 -2.79
N LYS B 147 47.16 -13.69 -2.18
CA LYS B 147 47.96 -12.72 -2.91
C LYS B 147 49.30 -13.32 -3.27
N VAL B 148 49.65 -13.24 -4.56
CA VAL B 148 50.92 -13.75 -5.06
C VAL B 148 51.72 -12.58 -5.61
N GLN B 149 52.94 -12.41 -5.09
CA GLN B 149 53.82 -11.33 -5.48
C GLN B 149 54.95 -11.87 -6.34
N TRP B 150 55.18 -11.23 -7.48
CA TRP B 150 56.21 -11.62 -8.42
C TRP B 150 57.38 -10.65 -8.36
N LYS B 151 58.60 -11.20 -8.38
CA LYS B 151 59.80 -10.38 -8.34
C LYS B 151 60.93 -11.11 -9.04
N VAL B 152 61.48 -10.49 -10.09
CA VAL B 152 62.62 -11.07 -10.80
C VAL B 152 63.90 -10.99 -10.00
N ASP B 153 63.90 -10.26 -8.88
CA ASP B 153 65.06 -10.14 -8.01
C ASP B 153 64.54 -9.95 -6.59
N ASN B 154 65.40 -9.47 -5.69
CA ASN B 154 64.96 -9.18 -4.33
C ASN B 154 63.96 -8.05 -4.27
N ALA B 155 63.86 -7.23 -5.31
CA ALA B 155 62.90 -6.13 -5.38
C ALA B 155 61.61 -6.60 -6.03
N LEU B 156 60.49 -6.21 -5.42
CA LEU B 156 59.18 -6.64 -5.90
C LEU B 156 58.87 -6.03 -7.26
N GLN B 157 57.92 -6.65 -7.96
CA GLN B 157 57.52 -6.22 -9.29
C GLN B 157 56.01 -6.23 -9.41
N SER B 158 55.50 -5.46 -10.37
CA SER B 158 54.08 -5.39 -10.66
C SER B 158 53.89 -4.90 -12.08
N GLY B 159 52.67 -5.08 -12.58
CA GLY B 159 52.31 -4.62 -13.91
C GLY B 159 52.59 -5.59 -15.04
N ASN B 160 53.18 -6.74 -14.75
CA ASN B 160 53.47 -7.73 -15.79
C ASN B 160 53.09 -9.13 -15.35
N SER B 161 52.08 -9.25 -14.48
CA SER B 161 51.65 -10.54 -13.96
C SER B 161 50.15 -10.72 -14.22
N GLN B 162 49.78 -11.88 -14.75
CA GLN B 162 48.40 -12.25 -14.95
C GLN B 162 48.15 -13.61 -14.30
N GLU B 163 47.02 -13.74 -13.62
CA GLU B 163 46.73 -14.93 -12.83
C GLU B 163 45.39 -15.53 -13.27
N SER B 164 45.33 -16.86 -13.20
CA SER B 164 44.12 -17.62 -13.49
C SER B 164 43.75 -18.44 -12.27
N VAL B 165 42.46 -18.47 -11.95
CA VAL B 165 41.96 -19.24 -10.82
C VAL B 165 40.81 -20.12 -11.29
N THR B 166 40.90 -21.41 -10.99
CA THR B 166 39.84 -22.34 -11.35
C THR B 166 38.63 -22.14 -10.44
N GLU B 167 37.50 -22.69 -10.88
CA GLU B 167 36.30 -22.69 -10.05
C GLU B 167 36.49 -23.66 -8.88
N GLN B 168 35.57 -23.58 -7.93
CA GLN B 168 35.63 -24.48 -6.78
C GLN B 168 35.50 -25.93 -7.23
N ASP B 169 36.38 -26.78 -6.71
CA ASP B 169 36.42 -28.17 -7.14
C ASP B 169 35.12 -28.88 -6.80
N SER B 170 34.67 -29.76 -7.69
CA SER B 170 33.40 -30.45 -7.49
C SER B 170 33.44 -31.42 -6.32
N LYS B 171 34.63 -31.89 -5.94
CA LYS B 171 34.78 -32.82 -4.83
C LYS B 171 35.52 -32.21 -3.64
N ASP B 172 36.70 -31.64 -3.88
CA ASP B 172 37.51 -31.09 -2.80
C ASP B 172 37.06 -29.71 -2.35
N SER B 173 36.25 -29.01 -3.16
CA SER B 173 35.79 -27.66 -2.84
C SER B 173 36.96 -26.72 -2.59
N THR B 174 38.03 -26.88 -3.36
CA THR B 174 39.23 -26.06 -3.24
C THR B 174 39.56 -25.41 -4.57
N TYR B 175 40.16 -24.23 -4.50
CA TYR B 175 40.54 -23.48 -5.68
C TYR B 175 42.00 -23.73 -6.03
N SER B 176 42.31 -23.66 -7.31
CA SER B 176 43.67 -23.72 -7.80
C SER B 176 43.98 -22.43 -8.56
N LEU B 177 45.21 -21.93 -8.37
CA LEU B 177 45.60 -20.64 -8.92
C LEU B 177 46.91 -20.79 -9.67
N SER B 178 47.09 -19.94 -10.69
CA SER B 178 48.29 -19.97 -11.51
C SER B 178 48.54 -18.56 -12.01
N SER B 179 49.59 -17.93 -11.48
CA SER B 179 49.98 -16.58 -11.88
C SER B 179 51.17 -16.67 -12.83
N THR B 180 51.03 -16.06 -14.00
CA THR B 180 52.05 -16.11 -15.03
C THR B 180 52.73 -14.74 -15.16
N LEU B 181 54.05 -14.73 -15.15
CA LEU B 181 54.85 -13.51 -15.28
C LEU B 181 55.48 -13.49 -16.67
N THR B 182 55.04 -12.54 -17.49
CA THR B 182 55.53 -12.43 -18.86
C THR B 182 56.78 -11.56 -18.88
N LEU B 183 57.88 -12.09 -19.42
CA LEU B 183 59.14 -11.39 -19.49
C LEU B 183 59.75 -11.58 -20.88
N SER B 184 60.46 -10.56 -21.34
CA SER B 184 61.17 -10.64 -22.60
C SER B 184 62.48 -11.40 -22.43
N LYS B 185 63.08 -11.78 -23.56
CA LYS B 185 64.36 -12.47 -23.52
C LYS B 185 65.44 -11.60 -22.88
N ALA B 186 65.47 -10.31 -23.23
CA ALA B 186 66.41 -9.40 -22.61
C ALA B 186 66.15 -9.26 -21.11
N ASP B 187 64.88 -9.15 -20.72
CA ASP B 187 64.55 -9.05 -19.31
C ASP B 187 64.89 -10.33 -18.56
N TYR B 188 64.68 -11.49 -19.19
CA TYR B 188 64.94 -12.76 -18.52
C TYR B 188 66.42 -12.94 -18.24
N GLU B 189 67.28 -12.48 -19.14
CA GLU B 189 68.73 -12.60 -18.97
C GLU B 189 69.33 -11.46 -18.17
N LYS B 190 68.53 -10.48 -17.77
CA LYS B 190 69.01 -9.35 -16.98
C LYS B 190 68.99 -9.63 -15.48
N HIS B 191 68.49 -10.79 -15.05
CA HIS B 191 68.43 -11.14 -13.64
C HIS B 191 68.80 -12.60 -13.48
N LYS B 192 69.01 -13.01 -12.23
CA LYS B 192 69.54 -14.33 -11.92
C LYS B 192 68.51 -15.23 -11.25
N VAL B 193 67.93 -14.80 -10.13
CA VAL B 193 67.04 -15.65 -9.33
C VAL B 193 65.66 -15.00 -9.30
N TYR B 194 64.64 -15.77 -9.64
CA TYR B 194 63.26 -15.31 -9.68
C TYR B 194 62.48 -15.98 -8.57
N ALA B 195 61.83 -15.18 -7.73
CA ALA B 195 61.14 -15.68 -6.55
C ALA B 195 59.65 -15.42 -6.65
N CYS B 196 58.88 -16.30 -6.01
CA CYS B 196 57.42 -16.23 -6.02
C CYS B 196 56.92 -16.25 -4.57
N GLU B 197 56.42 -15.11 -4.11
CA GLU B 197 55.93 -14.97 -2.74
C GLU B 197 54.41 -15.00 -2.74
N VAL B 198 53.84 -15.85 -1.90
CA VAL B 198 52.40 -16.00 -1.79
C VAL B 198 52.00 -15.91 -0.32
N THR B 199 50.98 -15.11 -0.03
CA THR B 199 50.43 -14.97 1.32
C THR B 199 49.03 -15.57 1.34
N HIS B 200 48.79 -16.46 2.30
CA HIS B 200 47.52 -17.15 2.37
C HIS B 200 47.14 -17.38 3.83
N GLN B 201 45.83 -17.57 4.05
CA GLN B 201 45.34 -17.84 5.39
C GLN B 201 45.87 -19.16 5.92
N GLY B 202 46.01 -20.16 5.05
CA GLY B 202 46.48 -21.47 5.46
C GLY B 202 47.96 -21.54 5.76
N LEU B 203 48.71 -20.48 5.47
CA LEU B 203 50.14 -20.42 5.73
C LEU B 203 50.39 -19.51 6.92
N SER B 204 51.09 -20.04 7.94
CA SER B 204 51.45 -19.21 9.09
C SER B 204 52.38 -18.09 8.66
N SER B 205 53.35 -18.38 7.81
CA SER B 205 54.23 -17.39 7.20
C SER B 205 54.28 -17.62 5.70
N PRO B 206 54.47 -16.56 4.92
CA PRO B 206 54.54 -16.73 3.46
C PRO B 206 55.67 -17.65 3.05
N VAL B 207 55.40 -18.48 2.05
CA VAL B 207 56.37 -19.45 1.54
C VAL B 207 56.79 -19.02 0.14
N THR B 208 58.09 -19.00 -0.11
CA THR B 208 58.65 -18.53 -1.37
C THR B 208 59.49 -19.63 -1.99
N LYS B 209 59.25 -19.91 -3.27
CA LYS B 209 60.04 -20.86 -4.04
C LYS B 209 60.69 -20.12 -5.21
N SER B 210 61.98 -20.35 -5.41
CA SER B 210 62.75 -19.65 -6.42
C SER B 210 63.55 -20.63 -7.25
N PHE B 211 64.21 -20.11 -8.29
CA PHE B 211 65.06 -20.90 -9.15
C PHE B 211 66.16 -20.02 -9.71
N ASN B 212 67.25 -20.65 -10.14
CA ASN B 212 68.40 -19.92 -10.67
C ASN B 212 68.20 -19.52 -12.12
N ASP C 1 -10.43 -6.31 13.69
CA ASP C 1 -10.60 -4.89 13.37
C ASP C 1 -9.72 -4.03 14.27
N ILE C 2 -10.07 -2.75 14.36
CA ILE C 2 -9.35 -1.79 15.20
C ILE C 2 -10.31 -1.29 16.25
N GLN C 3 -9.90 -1.35 17.52
CA GLN C 3 -10.74 -0.95 18.63
C GLN C 3 -10.38 0.47 19.08
N MET C 4 -11.39 1.33 19.14
CA MET C 4 -11.23 2.71 19.58
C MET C 4 -11.72 2.83 21.01
N THR C 5 -10.87 3.37 21.88
CA THR C 5 -11.19 3.49 23.30
C THR C 5 -11.11 4.96 23.69
N GLN C 6 -12.19 5.47 24.28
CA GLN C 6 -12.28 6.84 24.75
C GLN C 6 -12.37 6.80 26.27
N SER C 7 -11.28 7.20 26.94
CA SER C 7 -11.18 7.01 28.38
C SER C 7 -12.25 7.77 29.17
N PRO C 8 -12.48 9.08 28.96
CA PRO C 8 -13.56 9.74 29.71
C PRO C 8 -14.93 9.50 29.09
N SER C 9 -15.55 8.36 29.41
CA SER C 9 -16.85 8.03 28.82
C SER C 9 -17.93 9.05 29.19
N SER C 10 -17.74 9.78 30.28
CA SER C 10 -18.65 10.85 30.67
C SER C 10 -17.85 11.87 31.46
N LEU C 11 -18.02 13.15 31.13
CA LEU C 11 -17.17 14.20 31.69
C LEU C 11 -17.97 15.47 31.86
N SER C 12 -17.90 16.06 33.05
CA SER C 12 -18.62 17.28 33.39
C SER C 12 -17.64 18.44 33.47
N ALA C 13 -18.01 19.56 32.85
CA ALA C 13 -17.18 20.75 32.89
C ALA C 13 -18.06 21.98 32.76
N SER C 14 -17.71 23.03 33.49
CA SER C 14 -18.49 24.26 33.48
C SER C 14 -18.25 25.03 32.18
N VAL C 15 -19.16 25.97 31.90
CA VAL C 15 -19.05 26.79 30.70
C VAL C 15 -17.82 27.70 30.82
N GLY C 16 -16.98 27.68 29.80
CA GLY C 16 -15.76 28.45 29.81
C GLY C 16 -14.52 27.69 30.23
N ASP C 17 -14.63 26.40 30.48
CA ASP C 17 -13.49 25.57 30.89
C ASP C 17 -12.93 24.82 29.71
N ARG C 18 -11.67 24.41 29.83
CA ARG C 18 -11.00 23.64 28.79
C ARG C 18 -11.36 22.16 28.96
N VAL C 19 -11.74 21.52 27.87
CA VAL C 19 -12.16 20.12 27.88
C VAL C 19 -11.20 19.30 27.05
N THR C 20 -10.85 18.11 27.54
CA THR C 20 -9.88 17.25 26.87
C THR C 20 -10.35 15.81 26.95
N ILE C 21 -10.42 15.15 25.80
CA ILE C 21 -10.79 13.73 25.71
C ILE C 21 -9.79 13.03 24.81
N THR C 22 -9.68 11.71 24.99
CA THR C 22 -8.68 10.91 24.31
C THR C 22 -9.34 9.74 23.57
N CYS C 23 -8.63 9.24 22.55
CA CYS C 23 -9.13 8.16 21.70
C CYS C 23 -8.03 7.12 21.47
N GLN C 24 -7.44 6.63 22.56
CA GLN C 24 -6.46 5.54 22.51
C GLN C 24 -6.91 4.45 21.54
N ALA C 25 -6.01 4.08 20.63
CA ALA C 25 -6.30 3.14 19.55
C ALA C 25 -5.75 1.75 19.88
N SER C 26 -6.28 0.76 19.17
CA SER C 26 -5.79 -0.61 19.34
C SER C 26 -4.42 -0.78 18.70
N GLN C 27 -4.24 -0.26 17.48
CA GLN C 27 -2.99 -0.36 16.75
C GLN C 27 -2.46 1.03 16.43
N ASP C 28 -1.40 1.08 15.63
CA ASP C 28 -0.81 2.34 15.17
C ASP C 28 -1.55 2.74 13.90
N ILE C 29 -2.46 3.70 14.01
CA ILE C 29 -3.27 4.15 12.88
C ILE C 29 -2.76 5.47 12.34
N SER C 30 -1.50 5.83 12.61
CA SER C 30 -0.87 7.07 12.16
C SER C 30 -1.74 8.23 12.64
N ASP C 31 -2.15 9.15 11.77
CA ASP C 31 -3.09 10.21 12.13
C ASP C 31 -4.42 10.04 11.40
N TYR C 32 -4.81 8.79 11.13
CA TYR C 32 -6.03 8.48 10.40
C TYR C 32 -7.21 8.43 11.37
N LEU C 33 -7.56 9.60 11.89
CA LEU C 33 -8.61 9.70 12.89
C LEU C 33 -9.44 10.96 12.66
N ASN C 34 -10.76 10.81 12.76
CA ASN C 34 -11.69 11.92 12.67
C ASN C 34 -12.45 12.05 13.99
N TRP C 35 -12.95 13.26 14.25
CA TRP C 35 -13.70 13.55 15.46
C TRP C 35 -15.08 14.08 15.07
N TYR C 36 -16.13 13.50 15.65
CA TYR C 36 -17.49 13.89 15.37
C TYR C 36 -18.17 14.34 16.65
N GLN C 37 -19.10 15.29 16.51
CA GLN C 37 -19.92 15.77 17.62
C GLN C 37 -21.39 15.53 17.29
N GLN C 38 -22.10 14.88 18.20
CA GLN C 38 -23.52 14.60 18.03
C GLN C 38 -24.29 15.34 19.10
N GLN C 39 -25.07 16.34 18.70
CA GLN C 39 -25.98 16.99 19.64
C GLN C 39 -27.14 16.06 19.95
N PRO C 40 -27.78 16.22 21.11
CA PRO C 40 -28.89 15.32 21.47
C PRO C 40 -30.02 15.41 20.46
N GLY C 41 -30.29 14.28 19.80
CA GLY C 41 -31.36 14.19 18.84
C GLY C 41 -31.04 14.66 17.44
N LYS C 42 -29.76 14.89 17.13
CA LYS C 42 -29.34 15.37 15.83
C LYS C 42 -28.28 14.44 15.25
N ALA C 43 -28.09 14.55 13.93
CA ALA C 43 -27.08 13.76 13.25
C ALA C 43 -25.69 14.24 13.64
N PRO C 44 -24.69 13.35 13.64
CA PRO C 44 -23.33 13.75 14.02
C PRO C 44 -22.76 14.77 13.03
N LYS C 45 -21.85 15.60 13.54
CA LYS C 45 -21.20 16.64 12.76
C LYS C 45 -19.70 16.43 12.79
N LEU C 46 -19.07 16.52 11.62
CA LEU C 46 -17.63 16.38 11.53
C LEU C 46 -16.94 17.63 12.05
N LEU C 47 -16.05 17.48 13.02
CA LEU C 47 -15.33 18.59 13.62
C LEU C 47 -13.86 18.61 13.25
N ILE C 48 -13.15 17.51 13.50
CA ILE C 48 -11.73 17.41 13.22
C ILE C 48 -11.51 16.20 12.33
N TYR C 49 -10.79 16.41 11.22
CA TYR C 49 -10.43 15.32 10.32
C TYR C 49 -8.92 15.26 10.21
N ASP C 50 -8.40 14.05 9.95
CA ASP C 50 -6.97 13.76 9.95
C ASP C 50 -6.31 14.03 11.30
N ALA C 51 -7.10 14.04 12.37
CA ALA C 51 -6.65 14.10 13.76
C ALA C 51 -6.11 15.47 14.15
N SER C 52 -6.00 16.40 13.20
CA SER C 52 -5.57 17.75 13.51
C SER C 52 -6.30 18.85 12.75
N ASN C 53 -6.86 18.56 11.57
CA ASN C 53 -7.42 19.62 10.74
C ASN C 53 -8.85 19.91 11.13
N LEU C 54 -9.16 21.20 11.26
CA LEU C 54 -10.47 21.67 11.70
C LEU C 54 -11.38 21.82 10.49
N GLU C 55 -12.54 21.16 10.54
CA GLU C 55 -13.50 21.23 9.45
C GLU C 55 -13.96 22.66 9.23
N THR C 56 -14.19 23.01 7.96
CA THR C 56 -14.64 24.36 7.62
C THR C 56 -16.02 24.61 8.23
N GLY C 57 -16.21 25.81 8.77
CA GLY C 57 -17.43 26.17 9.45
C GLY C 57 -17.52 25.72 10.89
N VAL C 58 -16.45 25.15 11.44
CA VAL C 58 -16.42 24.66 12.82
C VAL C 58 -15.75 25.72 13.68
N PRO C 59 -16.27 26.01 14.88
CA PRO C 59 -15.63 27.01 15.75
C PRO C 59 -14.18 26.69 16.06
N SER C 60 -13.35 27.72 16.16
CA SER C 60 -11.91 27.55 16.34
C SER C 60 -11.53 27.05 17.73
N ARG C 61 -12.47 26.99 18.68
CA ARG C 61 -12.13 26.49 20.00
C ARG C 61 -11.86 25.00 19.99
N PHE C 62 -12.46 24.26 19.06
CA PHE C 62 -12.16 22.84 18.92
C PHE C 62 -10.77 22.66 18.33
N SER C 63 -10.07 21.63 18.82
CA SER C 63 -8.74 21.33 18.32
C SER C 63 -8.41 19.88 18.64
N GLY C 64 -7.75 19.22 17.70
CA GLY C 64 -7.33 17.85 17.90
C GLY C 64 -5.83 17.68 17.69
N SER C 65 -5.27 16.61 18.23
CA SER C 65 -3.83 16.37 18.13
C SER C 65 -3.59 14.88 18.26
N GLY C 66 -2.32 14.51 18.41
CA GLY C 66 -1.94 13.13 18.58
C GLY C 66 -1.69 12.42 17.26
N SER C 67 -0.94 11.34 17.34
CA SER C 67 -0.65 10.51 16.17
C SER C 67 -0.20 9.14 16.66
N GLY C 68 -0.33 8.16 15.78
CA GLY C 68 0.06 6.81 16.15
C GLY C 68 -1.04 6.03 16.84
N THR C 69 -0.99 6.00 18.16
CA THR C 69 -1.94 5.23 18.97
C THR C 69 -2.82 6.09 19.85
N ASP C 70 -2.28 7.14 20.46
CA ASP C 70 -3.01 7.99 21.38
C ASP C 70 -3.36 9.31 20.69
N PHE C 71 -4.62 9.71 20.79
CA PHE C 71 -5.12 10.92 20.16
C PHE C 71 -5.85 11.76 21.21
N THR C 72 -5.85 13.07 21.01
CA THR C 72 -6.44 14.00 21.96
C THR C 72 -7.36 14.97 21.22
N PHE C 73 -8.52 15.22 21.81
CA PHE C 73 -9.46 16.23 21.32
C PHE C 73 -9.70 17.24 22.42
N THR C 74 -9.58 18.53 22.09
CA THR C 74 -9.61 19.58 23.09
C THR C 74 -10.58 20.68 22.68
N ILE C 75 -11.38 21.13 23.65
CA ILE C 75 -12.20 22.33 23.51
C ILE C 75 -11.57 23.40 24.40
N SER C 76 -11.16 24.51 23.79
CA SER C 76 -10.45 25.54 24.52
C SER C 76 -11.30 26.14 25.62
N SER C 77 -12.57 26.41 25.33
CA SER C 77 -13.51 26.96 26.31
C SER C 77 -14.88 26.38 26.03
N LEU C 78 -15.39 25.57 26.96
CA LEU C 78 -16.70 24.95 26.77
C LEU C 78 -17.78 26.02 26.67
N GLN C 79 -18.68 25.84 25.70
CA GLN C 79 -19.81 26.73 25.46
C GLN C 79 -21.08 25.91 25.47
N PRO C 80 -22.23 26.54 25.76
CA PRO C 80 -23.47 25.76 25.92
C PRO C 80 -23.87 24.98 24.69
N GLU C 81 -23.42 25.37 23.50
CA GLU C 81 -23.74 24.63 22.28
C GLU C 81 -22.81 23.44 22.05
N ASP C 82 -21.82 23.24 22.90
CA ASP C 82 -20.88 22.14 22.76
C ASP C 82 -21.31 20.88 23.50
N ILE C 83 -22.49 20.90 24.12
CA ILE C 83 -22.96 19.73 24.86
C ILE C 83 -23.39 18.64 23.89
N GLY C 84 -22.87 17.44 24.09
CA GLY C 84 -23.23 16.33 23.23
C GLY C 84 -22.29 15.17 23.43
N THR C 85 -22.33 14.24 22.49
CA THR C 85 -21.46 13.06 22.49
C THR C 85 -20.42 13.21 21.40
N TYR C 86 -19.16 12.95 21.75
CA TYR C 86 -18.04 13.11 20.84
C TYR C 86 -17.49 11.73 20.49
N TYR C 87 -17.50 11.41 19.20
CA TYR C 87 -17.03 10.13 18.69
C TYR C 87 -15.75 10.34 17.89
N CYS C 88 -14.86 9.36 17.96
CA CYS C 88 -13.66 9.33 17.15
C CYS C 88 -13.72 8.15 16.20
N GLN C 89 -13.40 8.40 14.93
CA GLN C 89 -13.47 7.40 13.88
C GLN C 89 -12.11 7.27 13.21
N GLN C 90 -11.70 6.04 12.95
CA GLN C 90 -10.46 5.76 12.25
C GLN C 90 -10.75 5.31 10.82
N TYR C 91 -9.82 5.60 9.91
CA TYR C 91 -9.91 5.10 8.55
C TYR C 91 -8.60 4.46 8.11
N ASP C 92 -7.83 3.94 9.06
CA ASP C 92 -6.72 3.06 8.73
C ASP C 92 -7.21 1.74 8.14
N ASN C 93 -8.48 1.41 8.35
CA ASN C 93 -9.13 0.21 7.86
C ASN C 93 -10.57 0.57 7.56
N LEU C 94 -11.44 -0.42 7.46
CA LEU C 94 -12.86 -0.13 7.36
C LEU C 94 -13.28 0.70 8.57
N PRO C 95 -14.08 1.76 8.37
CA PRO C 95 -14.30 2.73 9.45
C PRO C 95 -14.87 2.09 10.71
N THR C 96 -14.35 2.55 11.85
CA THR C 96 -14.77 2.08 13.16
C THR C 96 -14.84 3.27 14.11
N PHE C 97 -15.90 3.33 14.90
CA PHE C 97 -16.15 4.46 15.79
C PHE C 97 -15.69 4.15 17.21
N GLY C 98 -15.49 5.22 17.98
CA GLY C 98 -15.24 5.07 19.40
C GLY C 98 -16.54 4.90 20.16
N GLY C 99 -16.39 4.58 21.45
CA GLY C 99 -17.56 4.39 22.29
C GLY C 99 -18.38 5.65 22.46
N GLY C 100 -17.72 6.78 22.54
CA GLY C 100 -18.40 8.05 22.71
C GLY C 100 -18.10 8.66 24.07
N THR C 101 -18.13 9.98 24.13
CA THR C 101 -17.91 10.73 25.37
C THR C 101 -19.04 11.73 25.53
N LYS C 102 -19.85 11.55 26.57
CA LYS C 102 -20.99 12.42 26.82
C LYS C 102 -20.53 13.62 27.63
N LEU C 103 -20.80 14.82 27.10
CA LEU C 103 -20.46 16.06 27.77
C LEU C 103 -21.69 16.61 28.48
N GLU C 104 -21.57 16.85 29.77
CA GLU C 104 -22.62 17.46 30.57
C GLU C 104 -22.10 18.71 31.26
N ILE C 105 -22.99 19.66 31.51
CA ILE C 105 -22.62 20.91 32.16
C ILE C 105 -22.53 20.68 33.66
N LYS C 106 -21.41 21.05 34.25
CA LYS C 106 -21.23 20.93 35.69
C LYS C 106 -21.82 22.14 36.39
N ARG C 107 -22.37 21.91 37.59
CA ARG C 107 -23.02 22.97 38.35
C ARG C 107 -23.06 22.54 39.81
N THR C 108 -23.65 23.41 40.64
CA THR C 108 -23.77 23.11 42.06
C THR C 108 -24.78 21.99 42.29
N VAL C 109 -24.59 21.27 43.39
CA VAL C 109 -25.44 20.12 43.70
C VAL C 109 -26.82 20.61 44.11
N ALA C 110 -27.85 19.99 43.54
CA ALA C 110 -29.24 20.30 43.84
C ALA C 110 -29.93 19.05 44.37
N ALA C 111 -30.64 19.20 45.48
CA ALA C 111 -31.34 18.06 46.06
C ALA C 111 -32.56 17.69 45.22
N PRO C 112 -32.89 16.42 45.11
CA PRO C 112 -34.09 16.02 44.34
C PRO C 112 -35.36 16.22 45.15
N SER C 113 -36.44 16.56 44.45
CA SER C 113 -37.77 16.62 45.02
C SER C 113 -38.50 15.32 44.67
N VAL C 114 -39.05 14.66 45.68
CA VAL C 114 -39.61 13.32 45.54
C VAL C 114 -41.11 13.38 45.72
N PHE C 115 -41.85 12.85 44.74
CA PHE C 115 -43.29 12.74 44.80
C PHE C 115 -43.70 11.33 44.45
N ILE C 116 -44.81 10.88 45.04
CA ILE C 116 -45.34 9.55 44.82
C ILE C 116 -46.74 9.67 44.23
N PHE C 117 -46.97 9.01 43.10
CA PHE C 117 -48.28 8.99 42.47
C PHE C 117 -48.86 7.58 42.55
N PRO C 118 -49.82 7.32 43.44
CA PRO C 118 -50.40 5.98 43.51
C PRO C 118 -51.14 5.65 42.22
N PRO C 119 -51.26 4.37 41.88
CA PRO C 119 -51.97 4.01 40.64
C PRO C 119 -53.42 4.48 40.68
N SER C 120 -53.89 4.95 39.54
CA SER C 120 -55.25 5.48 39.44
C SER C 120 -56.26 4.33 39.45
N ASP C 121 -57.50 4.68 39.80
CA ASP C 121 -58.56 3.68 39.85
C ASP C 121 -58.84 3.09 38.48
N GLU C 122 -58.71 3.89 37.42
CA GLU C 122 -58.92 3.38 36.07
C GLU C 122 -57.91 2.29 35.72
N GLN C 123 -56.64 2.52 36.05
CA GLN C 123 -55.63 1.52 35.77
C GLN C 123 -55.83 0.27 36.62
N LEU C 124 -56.25 0.45 37.87
CA LEU C 124 -56.56 -0.70 38.72
C LEU C 124 -57.71 -1.52 38.15
N LYS C 125 -58.73 -0.85 37.61
CA LYS C 125 -59.82 -1.54 36.95
C LYS C 125 -59.33 -2.25 35.69
N SER C 126 -58.37 -1.66 34.98
CA SER C 126 -57.85 -2.29 33.77
C SER C 126 -57.21 -3.64 34.06
N GLY C 127 -56.43 -3.73 35.15
CA GLY C 127 -55.88 -5.01 35.55
C GLY C 127 -54.44 -4.98 36.03
N THR C 128 -53.79 -3.81 35.96
CA THR C 128 -52.41 -3.66 36.38
C THR C 128 -52.27 -2.40 37.23
N ALA C 129 -51.22 -2.38 38.04
CA ALA C 129 -50.93 -1.26 38.93
C ALA C 129 -49.52 -0.76 38.70
N SER C 130 -49.36 0.57 38.65
CA SER C 130 -48.06 1.19 38.46
C SER C 130 -47.90 2.32 39.48
N VAL C 131 -46.85 2.24 40.28
CA VAL C 131 -46.48 3.30 41.22
C VAL C 131 -45.24 3.98 40.68
N VAL C 132 -45.31 5.29 40.50
CA VAL C 132 -44.24 6.06 39.88
C VAL C 132 -43.62 7.00 40.91
N CYS C 133 -42.30 6.95 41.04
CA CYS C 133 -41.55 7.85 41.90
C CYS C 133 -40.92 8.93 41.03
N LEU C 134 -41.19 10.19 41.36
CA LEU C 134 -40.72 11.32 40.57
C LEU C 134 -39.60 12.03 41.31
N LEU C 135 -38.45 12.15 40.66
CA LEU C 135 -37.31 12.89 41.18
C LEU C 135 -37.13 14.10 40.26
N ASN C 136 -37.33 15.30 40.80
CA ASN C 136 -37.42 16.51 39.99
C ASN C 136 -36.27 17.45 40.31
N ASN C 137 -35.56 17.88 39.27
CA ASN C 137 -34.58 18.97 39.34
C ASN C 137 -33.47 18.64 40.34
N PHE C 138 -32.70 17.61 40.01
CA PHE C 138 -31.57 17.20 40.81
C PHE C 138 -30.31 17.14 39.95
N TYR C 139 -29.16 17.29 40.61
CA TYR C 139 -27.86 17.17 39.98
C TYR C 139 -26.91 16.64 41.04
N PRO C 140 -26.01 15.71 40.70
CA PRO C 140 -25.75 15.13 39.38
C PRO C 140 -26.72 14.00 39.00
N ARG C 141 -26.50 13.40 37.84
CA ARG C 141 -27.39 12.35 37.35
C ARG C 141 -27.36 11.11 38.25
N GLU C 142 -26.31 10.94 39.06
CA GLU C 142 -26.20 9.74 39.88
C GLU C 142 -27.20 9.74 41.01
N ALA C 143 -28.34 9.07 40.80
CA ALA C 143 -29.34 8.87 41.82
C ALA C 143 -29.73 7.39 41.84
N LYS C 144 -29.99 6.88 43.04
CA LYS C 144 -30.33 5.48 43.25
C LYS C 144 -31.71 5.42 43.90
N VAL C 145 -32.69 4.87 43.19
CA VAL C 145 -34.04 4.72 43.71
C VAL C 145 -34.32 3.24 43.92
N GLN C 146 -34.73 2.89 45.13
CA GLN C 146 -35.08 1.51 45.47
C GLN C 146 -36.55 1.48 45.89
N TRP C 147 -37.28 0.53 45.34
CA TRP C 147 -38.70 0.38 45.64
C TRP C 147 -38.87 -0.62 46.78
N LYS C 148 -39.43 -0.16 47.90
CA LYS C 148 -39.61 -0.98 49.08
C LYS C 148 -41.11 -1.14 49.35
N VAL C 149 -41.53 -2.39 49.50
CA VAL C 149 -42.92 -2.73 49.81
C VAL C 149 -42.93 -3.49 51.13
N ASP C 150 -43.67 -2.97 52.11
CA ASP C 150 -43.70 -3.48 53.49
C ASP C 150 -42.32 -3.90 53.96
N ASN C 151 -41.37 -2.96 53.84
CA ASN C 151 -39.99 -3.15 54.29
C ASN C 151 -39.32 -4.34 53.61
N ALA C 152 -39.62 -4.52 52.32
CA ALA C 152 -38.96 -5.54 51.51
C ALA C 152 -38.40 -4.88 50.25
N LEU C 153 -37.14 -5.15 49.95
CA LEU C 153 -36.45 -4.52 48.82
C LEU C 153 -36.88 -5.21 47.53
N GLN C 154 -37.90 -4.66 46.88
CA GLN C 154 -38.36 -5.19 45.61
C GLN C 154 -37.32 -4.95 44.52
N SER C 155 -37.21 -5.91 43.61
CA SER C 155 -36.26 -5.81 42.51
C SER C 155 -36.79 -6.58 41.32
N GLY C 156 -36.28 -6.25 40.13
CA GLY C 156 -36.65 -6.93 38.92
C GLY C 156 -37.99 -6.54 38.34
N ASN C 157 -38.62 -5.48 38.85
CA ASN C 157 -39.91 -5.06 38.32
C ASN C 157 -40.01 -3.55 38.15
N SER C 158 -38.91 -2.80 38.32
CA SER C 158 -38.92 -1.36 38.23
C SER C 158 -38.08 -0.92 37.03
N GLN C 159 -38.59 0.05 36.29
CA GLN C 159 -37.90 0.62 35.13
C GLN C 159 -37.81 2.13 35.33
N GLU C 160 -36.61 2.68 35.14
CA GLU C 160 -36.36 4.09 35.36
C GLU C 160 -36.12 4.80 34.03
N SER C 161 -36.49 6.08 33.99
CA SER C 161 -36.29 6.92 32.81
C SER C 161 -35.77 8.27 33.28
N VAL C 162 -34.72 8.75 32.63
CA VAL C 162 -34.05 10.00 33.01
C VAL C 162 -34.17 10.98 31.86
N THR C 163 -34.64 12.19 32.16
CA THR C 163 -34.64 13.24 31.15
C THR C 163 -33.22 13.71 30.87
N GLU C 164 -33.03 14.29 29.69
CA GLU C 164 -31.76 14.90 29.37
C GLU C 164 -31.58 16.17 30.20
N GLN C 165 -30.32 16.60 30.33
CA GLN C 165 -30.02 17.77 31.14
C GLN C 165 -30.74 19.00 30.57
N ASP C 166 -31.41 19.73 31.46
CA ASP C 166 -32.17 20.89 31.04
C ASP C 166 -31.24 21.98 30.51
N SER C 167 -31.73 22.73 29.53
CA SER C 167 -30.94 23.80 28.95
C SER C 167 -30.99 25.10 29.75
N LYS C 168 -31.83 25.17 30.78
CA LYS C 168 -31.97 26.38 31.58
C LYS C 168 -31.18 26.30 32.88
N ASP C 169 -31.46 25.29 33.71
CA ASP C 169 -30.78 25.13 34.99
C ASP C 169 -29.83 23.95 35.02
N SER C 170 -29.61 23.28 33.89
CA SER C 170 -28.62 22.21 33.76
C SER C 170 -28.85 21.10 34.79
N THR C 171 -30.12 20.72 34.98
CA THR C 171 -30.49 19.72 35.96
C THR C 171 -31.29 18.61 35.29
N TYR C 172 -31.37 17.47 35.98
CA TYR C 172 -32.00 16.26 35.47
C TYR C 172 -33.34 16.03 36.16
N SER C 173 -34.01 14.96 35.73
CA SER C 173 -35.26 14.51 36.35
C SER C 173 -35.39 13.02 36.12
N LEU C 174 -35.72 12.28 37.17
CA LEU C 174 -35.79 10.83 37.11
C LEU C 174 -37.17 10.35 37.54
N SER C 175 -37.71 9.40 36.80
CA SER C 175 -38.98 8.76 37.15
C SER C 175 -38.78 7.26 37.13
N SER C 176 -39.11 6.60 38.25
CA SER C 176 -39.02 5.16 38.38
C SER C 176 -40.42 4.59 38.43
N THR C 177 -40.72 3.65 37.53
CA THR C 177 -42.04 3.06 37.42
C THR C 177 -42.00 1.64 37.98
N LEU C 178 -42.83 1.37 38.97
CA LEU C 178 -42.91 0.06 39.61
C LEU C 178 -44.16 -0.65 39.11
N THR C 179 -43.97 -1.67 38.28
CA THR C 179 -45.08 -2.42 37.70
C THR C 179 -45.41 -3.62 38.58
N LEU C 180 -46.68 -3.74 38.96
CA LEU C 180 -47.12 -4.84 39.80
C LEU C 180 -48.50 -5.29 39.35
N SER C 181 -48.77 -6.58 39.46
CA SER C 181 -50.07 -7.12 39.11
C SER C 181 -51.11 -6.69 40.14
N LYS C 182 -52.38 -6.82 39.76
CA LYS C 182 -53.46 -6.40 40.64
C LYS C 182 -53.47 -7.21 41.93
N ALA C 183 -53.27 -8.53 41.84
CA ALA C 183 -53.25 -9.37 43.03
C ALA C 183 -52.09 -9.00 43.94
N ASP C 184 -50.89 -8.86 43.37
CA ASP C 184 -49.73 -8.48 44.18
C ASP C 184 -49.89 -7.06 44.74
N TYR C 185 -50.52 -6.16 43.98
CA TYR C 185 -50.77 -4.82 44.49
C TYR C 185 -51.71 -4.85 45.69
N GLU C 186 -52.77 -5.65 45.61
CA GLU C 186 -53.71 -5.78 46.71
C GLU C 186 -53.20 -6.64 47.84
N LYS C 187 -52.08 -7.34 47.65
CA LYS C 187 -51.52 -8.21 48.68
C LYS C 187 -50.68 -7.45 49.71
N HIS C 188 -50.50 -6.14 49.55
CA HIS C 188 -49.70 -5.34 50.47
C HIS C 188 -50.48 -4.08 50.84
N LYS C 189 -49.90 -3.30 51.75
CA LYS C 189 -50.57 -2.13 52.31
C LYS C 189 -49.84 -0.83 52.02
N VAL C 190 -48.55 -0.74 52.32
CA VAL C 190 -47.79 0.50 52.22
C VAL C 190 -46.70 0.33 51.18
N TYR C 191 -46.60 1.30 50.27
CA TYR C 191 -45.57 1.34 49.23
C TYR C 191 -44.72 2.58 49.44
N ALA C 192 -43.41 2.41 49.42
CA ALA C 192 -42.49 3.50 49.72
C ALA C 192 -41.41 3.60 48.65
N CYS C 193 -40.91 4.82 48.45
CA CYS C 193 -39.81 5.10 47.53
C CYS C 193 -38.66 5.70 48.30
N GLU C 194 -37.47 5.12 48.14
CA GLU C 194 -36.27 5.57 48.83
C GLU C 194 -35.25 6.02 47.79
N VAL C 195 -34.71 7.22 47.98
CA VAL C 195 -33.73 7.80 47.07
C VAL C 195 -32.46 8.13 47.85
N THR C 196 -31.32 7.68 47.34
CA THR C 196 -30.01 7.95 47.95
C THR C 196 -29.24 8.84 46.97
N HIS C 197 -29.37 10.15 47.14
CA HIS C 197 -28.70 11.13 46.30
C HIS C 197 -27.75 11.97 47.15
N GLN C 198 -26.63 12.37 46.54
CA GLN C 198 -25.63 13.13 47.27
C GLN C 198 -26.12 14.50 47.70
N GLY C 199 -27.22 14.99 47.11
CA GLY C 199 -27.80 16.24 47.51
C GLY C 199 -28.61 16.21 48.79
N LEU C 200 -28.77 15.02 49.38
CA LEU C 200 -29.47 14.87 50.65
C LEU C 200 -28.52 14.26 51.67
N SER C 201 -28.55 14.82 52.89
CA SER C 201 -27.73 14.28 53.97
C SER C 201 -28.11 12.85 54.30
N SER C 202 -29.42 12.57 54.36
CA SER C 202 -29.94 11.24 54.57
C SER C 202 -31.04 10.96 53.56
N PRO C 203 -31.25 9.69 53.20
CA PRO C 203 -32.30 9.37 52.23
C PRO C 203 -33.67 9.80 52.73
N VAL C 204 -34.49 10.29 51.81
CA VAL C 204 -35.86 10.73 52.10
C VAL C 204 -36.81 9.70 51.51
N THR C 205 -37.85 9.36 52.26
CA THR C 205 -38.80 8.33 51.87
C THR C 205 -40.19 8.95 51.78
N LYS C 206 -40.84 8.80 50.62
CA LYS C 206 -42.21 9.21 50.42
C LYS C 206 -43.05 7.95 50.21
N SER C 207 -44.06 7.77 51.05
CA SER C 207 -44.87 6.56 51.04
C SER C 207 -46.35 6.93 51.08
N PHE C 208 -47.19 5.93 50.85
CA PHE C 208 -48.63 6.11 50.87
C PHE C 208 -49.30 4.80 51.27
N ASN C 209 -50.53 4.91 51.73
CA ASN C 209 -51.33 3.75 52.07
C ASN C 209 -52.19 3.33 50.88
N ARG C 210 -52.43 2.03 50.76
CA ARG C 210 -53.20 1.52 49.62
C ARG C 210 -54.61 2.10 49.59
N GLY C 211 -55.17 2.37 50.77
CA GLY C 211 -56.48 2.99 50.85
C GLY C 211 -56.41 4.50 50.68
N GLU C 212 -57.50 5.15 51.03
CA GLU C 212 -57.63 6.61 50.96
C GLU C 212 -57.37 7.12 49.54
N GLU D 1 5.95 -24.95 -25.83
CA GLU D 1 7.40 -24.89 -25.71
C GLU D 1 7.90 -23.46 -25.81
N VAL D 2 7.82 -22.72 -24.71
CA VAL D 2 8.26 -21.33 -24.68
C VAL D 2 9.79 -21.31 -24.70
N GLN D 3 10.36 -20.56 -25.64
CA GLN D 3 11.81 -20.52 -25.78
C GLN D 3 12.21 -19.25 -26.52
N LEU D 4 13.47 -18.86 -26.33
CA LEU D 4 14.07 -17.72 -27.00
C LEU D 4 15.45 -18.16 -27.49
N VAL D 5 15.69 -18.04 -28.79
CA VAL D 5 16.92 -18.52 -29.41
C VAL D 5 17.63 -17.33 -30.05
N GLU D 6 18.82 -17.02 -29.56
CA GLU D 6 19.65 -15.99 -30.17
C GLU D 6 20.49 -16.59 -31.28
N SER D 7 20.96 -15.72 -32.17
CA SER D 7 21.86 -16.11 -33.26
C SER D 7 22.51 -14.85 -33.81
N GLY D 8 23.45 -15.04 -34.73
CA GLY D 8 24.12 -13.94 -35.39
C GLY D 8 25.37 -13.45 -34.70
N GLY D 9 25.59 -13.81 -33.44
CA GLY D 9 26.81 -13.40 -32.76
C GLY D 9 28.04 -14.12 -33.28
N GLY D 10 29.19 -13.50 -33.07
CA GLY D 10 30.43 -14.09 -33.50
C GLY D 10 31.54 -13.05 -33.54
N LEU D 11 32.63 -13.44 -34.20
CA LEU D 11 33.79 -12.56 -34.29
C LEU D 11 33.50 -11.35 -35.18
N ILE D 12 33.94 -10.18 -34.73
CA ILE D 12 33.83 -8.95 -35.50
C ILE D 12 35.03 -8.06 -35.15
N GLN D 13 35.30 -7.10 -36.03
CA GLN D 13 36.42 -6.19 -35.82
C GLN D 13 35.96 -4.94 -35.08
N PRO D 14 36.87 -4.27 -34.36
CA PRO D 14 36.49 -3.00 -33.71
C PRO D 14 36.07 -1.97 -34.73
N GLY D 15 35.03 -1.21 -34.38
CA GLY D 15 34.45 -0.26 -35.30
C GLY D 15 33.55 -0.85 -36.36
N GLY D 16 33.29 -2.16 -36.30
CA GLY D 16 32.46 -2.82 -37.27
C GLY D 16 30.99 -2.80 -36.89
N SER D 17 30.21 -3.62 -37.59
CA SER D 17 28.77 -3.72 -37.38
C SER D 17 28.36 -5.18 -37.29
N LEU D 18 27.33 -5.44 -36.50
CA LEU D 18 26.84 -6.80 -36.30
C LEU D 18 25.40 -6.72 -35.83
N ARG D 19 24.55 -7.61 -36.36
CA ARG D 19 23.14 -7.63 -36.03
C ARG D 19 22.79 -8.97 -35.40
N LEU D 20 22.20 -8.93 -34.22
CA LEU D 20 21.75 -10.13 -33.52
C LEU D 20 20.26 -10.36 -33.77
N SER D 21 19.85 -11.61 -33.63
CA SER D 21 18.47 -12.00 -33.80
C SER D 21 18.04 -12.87 -32.64
N CYS D 22 16.74 -12.87 -32.35
CA CYS D 22 16.17 -13.67 -31.25
C CYS D 22 14.81 -14.17 -31.68
N THR D 23 14.76 -15.40 -32.18
CA THR D 23 13.50 -16.01 -32.58
C THR D 23 12.75 -16.53 -31.35
N ALA D 24 11.47 -16.22 -31.28
CA ALA D 24 10.64 -16.58 -30.13
C ALA D 24 9.61 -17.62 -30.51
N SER D 25 9.34 -18.54 -29.58
CA SER D 25 8.30 -19.54 -29.73
C SER D 25 7.37 -19.45 -28.54
N GLU D 26 6.05 -19.42 -28.81
CA GLU D 26 4.97 -19.28 -27.83
C GLU D 26 4.98 -17.90 -27.17
N ILE D 27 5.93 -17.04 -27.48
CA ILE D 27 5.94 -15.66 -27.02
C ILE D 27 5.88 -14.78 -28.25
N ILE D 28 4.89 -13.89 -28.31
CA ILE D 28 4.80 -12.96 -29.42
C ILE D 28 5.63 -11.73 -29.08
N VAL D 29 6.70 -11.50 -29.86
CA VAL D 29 7.63 -10.41 -29.57
C VAL D 29 6.92 -9.06 -29.69
N SER D 30 6.01 -8.94 -30.64
CA SER D 30 5.33 -7.68 -30.88
C SER D 30 4.34 -7.31 -29.78
N ARG D 31 4.05 -8.21 -28.85
CA ARG D 31 3.13 -7.95 -27.76
C ARG D 31 3.81 -7.95 -26.40
N ASN D 32 5.13 -7.86 -26.36
CA ASN D 32 5.86 -8.02 -25.11
C ASN D 32 6.93 -6.94 -24.99
N TYR D 33 7.30 -6.64 -23.74
CA TYR D 33 8.54 -5.93 -23.46
C TYR D 33 9.69 -6.89 -23.67
N MET D 34 10.44 -6.70 -24.74
CA MET D 34 11.58 -7.54 -25.06
C MET D 34 12.85 -6.72 -24.94
N SER D 35 13.82 -7.24 -24.19
CA SER D 35 15.02 -6.49 -23.89
C SER D 35 16.25 -7.34 -24.19
N TRP D 36 17.39 -6.67 -24.31
CA TRP D 36 18.68 -7.31 -24.50
C TRP D 36 19.54 -7.05 -23.27
N VAL D 37 20.11 -8.10 -22.71
CA VAL D 37 20.98 -8.00 -21.54
C VAL D 37 22.28 -8.71 -21.88
N ARG D 38 23.41 -8.03 -21.66
CA ARG D 38 24.70 -8.61 -21.96
C ARG D 38 25.50 -8.86 -20.68
N GLN D 39 26.38 -9.84 -20.75
CA GLN D 39 27.24 -10.21 -19.63
C GLN D 39 28.67 -10.27 -20.14
N ALA D 40 29.50 -9.32 -19.71
CA ALA D 40 30.90 -9.30 -20.10
C ALA D 40 31.58 -10.55 -19.56
N PRO D 41 32.60 -11.08 -20.24
CA PRO D 41 33.22 -12.32 -19.77
C PRO D 41 33.83 -12.18 -18.39
N GLY D 42 33.28 -12.91 -17.42
CA GLY D 42 33.73 -12.83 -16.05
C GLY D 42 33.13 -11.71 -15.23
N LYS D 43 32.26 -10.89 -15.82
CA LYS D 43 31.67 -9.75 -15.14
C LYS D 43 30.17 -10.01 -14.91
N GLY D 44 29.48 -9.02 -14.34
CA GLY D 44 28.08 -9.14 -14.02
C GLY D 44 27.17 -8.82 -15.20
N LEU D 45 25.88 -8.93 -14.94
CA LEU D 45 24.88 -8.63 -15.96
C LEU D 45 24.76 -7.14 -16.18
N GLU D 46 24.46 -6.75 -17.42
CA GLU D 46 24.30 -5.35 -17.78
C GLU D 46 23.15 -5.24 -18.79
N TRP D 47 22.16 -4.41 -18.46
CA TRP D 47 21.06 -4.19 -19.38
C TRP D 47 21.51 -3.32 -20.54
N VAL D 48 21.06 -3.67 -21.75
CA VAL D 48 21.52 -3.02 -22.97
C VAL D 48 20.41 -2.17 -23.60
N SER D 49 19.30 -2.80 -23.98
CA SER D 49 18.23 -2.09 -24.67
C SER D 49 16.92 -2.78 -24.36
N LEU D 50 15.82 -2.04 -24.59
CA LEU D 50 14.48 -2.54 -24.30
C LEU D 50 13.51 -1.91 -25.29
N ILE D 51 12.59 -2.72 -25.80
CA ILE D 51 11.56 -2.27 -26.74
C ILE D 51 10.19 -2.59 -26.16
N TYR D 52 9.28 -1.64 -26.25
CA TYR D 52 7.92 -1.83 -25.75
C TYR D 52 7.07 -2.55 -26.80
N ALA D 53 5.90 -3.01 -26.36
CA ALA D 53 4.94 -3.58 -27.30
C ALA D 53 4.41 -2.52 -28.25
N GLY D 54 4.25 -1.28 -27.78
CA GLY D 54 3.82 -0.21 -28.66
C GLY D 54 4.90 0.24 -29.62
N GLY D 55 6.16 0.04 -29.27
CA GLY D 55 7.25 0.36 -30.18
C GLY D 55 8.31 1.30 -29.62
N SER D 56 8.14 1.74 -28.38
CA SER D 56 9.11 2.61 -27.74
C SER D 56 10.40 1.85 -27.48
N THR D 57 11.54 2.48 -27.73
CA THR D 57 12.84 1.87 -27.57
C THR D 57 13.67 2.66 -26.57
N PHE D 58 14.36 1.93 -25.68
CA PHE D 58 15.20 2.52 -24.65
C PHE D 58 16.56 1.82 -24.67
N TYR D 59 17.62 2.60 -24.53
CA TYR D 59 18.98 2.08 -24.61
C TYR D 59 19.78 2.51 -23.39
N ALA D 60 20.78 1.70 -23.05
CA ALA D 60 21.71 2.06 -22.00
C ALA D 60 22.60 3.21 -22.44
N ASP D 61 23.19 3.89 -21.45
CA ASP D 61 24.02 5.04 -21.76
C ASP D 61 25.24 4.66 -22.59
N SER D 62 25.86 3.51 -22.27
CA SER D 62 27.05 3.08 -22.98
C SER D 62 26.77 2.68 -24.43
N VAL D 63 25.53 2.31 -24.75
CA VAL D 63 25.18 1.84 -26.09
C VAL D 63 24.26 2.78 -26.82
N LYS D 64 23.84 3.88 -26.19
CA LYS D 64 22.94 4.82 -26.84
C LYS D 64 23.62 5.45 -28.05
N GLY D 65 22.88 5.53 -29.16
CA GLY D 65 23.38 6.07 -30.40
C GLY D 65 24.01 5.04 -31.31
N ARG D 66 24.64 4.01 -30.75
CA ARG D 66 25.26 2.96 -31.56
C ARG D 66 24.33 1.77 -31.77
N PHE D 67 23.66 1.32 -30.72
CA PHE D 67 22.79 0.16 -30.81
C PHE D 67 21.39 0.57 -31.25
N THR D 68 20.66 -0.39 -31.81
CA THR D 68 19.30 -0.17 -32.27
C THR D 68 18.53 -1.47 -32.13
N ILE D 69 17.50 -1.47 -31.29
CA ILE D 69 16.67 -2.64 -31.07
C ILE D 69 15.41 -2.51 -31.91
N SER D 70 15.08 -3.57 -32.65
CA SER D 70 13.91 -3.58 -33.51
C SER D 70 13.30 -4.98 -33.45
N ARG D 71 12.32 -5.23 -34.32
CA ARG D 71 11.70 -6.54 -34.38
C ARG D 71 11.04 -6.72 -35.72
N ASP D 72 10.75 -7.97 -36.05
CA ASP D 72 9.97 -8.33 -37.23
C ASP D 72 8.72 -9.07 -36.75
N ASP D 73 7.57 -8.39 -36.80
CA ASP D 73 6.34 -8.98 -36.31
C ASP D 73 5.95 -10.22 -37.09
N SER D 74 6.15 -10.18 -38.42
CA SER D 74 5.80 -11.33 -39.25
C SER D 74 6.67 -12.54 -38.92
N LYS D 75 7.97 -12.34 -38.70
CA LYS D 75 8.87 -13.44 -38.40
C LYS D 75 8.98 -13.75 -36.92
N ASN D 76 8.35 -12.97 -36.05
CA ASN D 76 8.43 -13.15 -34.60
C ASN D 76 9.88 -13.18 -34.12
N THR D 77 10.66 -12.20 -34.58
CA THR D 77 12.09 -12.14 -34.31
C THR D 77 12.42 -10.77 -33.73
N LEU D 78 13.30 -10.77 -32.74
CA LEU D 78 13.80 -9.54 -32.12
C LEU D 78 15.24 -9.30 -32.58
N TYR D 79 15.55 -8.05 -32.92
CA TYR D 79 16.83 -7.69 -33.49
C TYR D 79 17.57 -6.73 -32.58
N LEU D 80 18.89 -6.64 -32.81
CA LEU D 80 19.73 -5.64 -32.15
C LEU D 80 20.86 -5.30 -33.13
N GLN D 81 20.73 -4.15 -33.79
CA GLN D 81 21.75 -3.69 -34.72
C GLN D 81 22.86 -3.00 -33.93
N MET D 82 24.00 -3.65 -33.80
CA MET D 82 25.13 -3.13 -33.05
C MET D 82 26.12 -2.50 -34.02
N ASN D 83 26.39 -1.21 -33.85
CA ASN D 83 27.23 -0.44 -34.74
C ASN D 83 28.34 0.23 -33.95
N SER D 84 29.44 0.55 -34.65
CA SER D 84 30.60 1.21 -34.04
C SER D 84 31.11 0.42 -32.84
N LEU D 85 31.25 -0.89 -33.03
CA LEU D 85 31.60 -1.78 -31.93
C LEU D 85 33.00 -1.50 -31.41
N ARG D 86 33.16 -1.58 -30.09
CA ARG D 86 34.42 -1.35 -29.41
C ARG D 86 34.85 -2.62 -28.71
N ALA D 87 36.09 -2.60 -28.19
CA ALA D 87 36.61 -3.75 -27.47
C ALA D 87 35.86 -4.00 -26.16
N GLU D 88 35.17 -2.99 -25.63
CA GLU D 88 34.38 -3.15 -24.42
C GLU D 88 33.01 -3.74 -24.69
N ASP D 89 32.69 -4.03 -25.95
CA ASP D 89 31.40 -4.59 -26.32
C ASP D 89 31.41 -6.11 -26.34
N THR D 90 32.52 -6.74 -25.99
CA THR D 90 32.57 -8.19 -25.93
C THR D 90 31.80 -8.70 -24.73
N ALA D 91 30.81 -9.56 -24.97
CA ALA D 91 29.93 -10.05 -23.93
C ALA D 91 29.05 -11.15 -24.52
N VAL D 92 28.31 -11.82 -23.65
CA VAL D 92 27.28 -12.77 -24.05
C VAL D 92 25.96 -12.03 -24.00
N TYR D 93 25.30 -11.91 -25.15
CA TYR D 93 24.08 -11.12 -25.25
C TYR D 93 22.86 -12.03 -25.13
N TYR D 94 21.98 -11.71 -24.18
CA TYR D 94 20.77 -12.47 -23.93
C TYR D 94 19.57 -11.66 -24.39
N CYS D 95 18.68 -12.28 -25.15
CA CYS D 95 17.37 -11.69 -25.41
C CYS D 95 16.41 -12.20 -24.34
N ALA D 96 15.62 -11.30 -23.78
CA ALA D 96 14.81 -11.62 -22.62
C ALA D 96 13.45 -10.96 -22.72
N ARG D 97 12.46 -11.57 -22.09
CA ARG D 97 11.10 -11.04 -22.03
C ARG D 97 10.85 -10.43 -20.66
N ASP D 98 10.44 -9.17 -20.64
CA ASP D 98 10.25 -8.43 -19.40
C ASP D 98 8.76 -8.27 -19.11
N LEU D 99 8.38 -8.58 -17.88
CA LEU D 99 7.02 -8.34 -17.41
C LEU D 99 6.95 -7.24 -16.36
N PHE D 100 8.09 -6.80 -15.83
CA PHE D 100 8.18 -5.71 -14.86
C PHE D 100 7.40 -6.14 -13.62
N GLU D 101 6.43 -5.35 -13.15
CA GLU D 101 5.74 -5.67 -11.90
C GLU D 101 4.88 -6.92 -11.99
N ALA D 102 4.65 -7.45 -13.18
CA ALA D 102 3.78 -8.60 -13.38
C ALA D 102 4.55 -9.91 -13.54
N GLY D 103 5.80 -9.96 -13.08
CA GLY D 103 6.56 -11.20 -13.20
C GLY D 103 8.02 -11.03 -13.55
N ALA D 104 8.47 -9.79 -13.71
CA ALA D 104 9.87 -9.50 -14.04
C ALA D 104 10.33 -10.24 -15.28
N THR D 105 11.63 -10.47 -15.41
CA THR D 105 12.20 -11.11 -16.59
C THR D 105 12.14 -12.61 -16.39
N ASP D 106 11.03 -13.21 -16.81
CA ASP D 106 10.80 -14.64 -16.58
C ASP D 106 11.60 -15.51 -17.54
N TYR D 107 11.72 -15.11 -18.79
CA TYR D 107 12.31 -15.95 -19.83
C TYR D 107 13.55 -15.31 -20.41
N TRP D 108 14.61 -16.10 -20.54
CA TRP D 108 15.88 -15.67 -21.11
C TRP D 108 16.26 -16.61 -22.25
N GLY D 109 17.00 -16.09 -23.21
CA GLY D 109 17.58 -16.93 -24.23
C GLY D 109 18.86 -17.59 -23.74
N GLN D 110 19.38 -18.50 -24.56
CA GLN D 110 20.61 -19.19 -24.20
C GLN D 110 21.83 -18.28 -24.29
N GLY D 111 21.73 -17.18 -25.01
CA GLY D 111 22.82 -16.24 -25.12
C GLY D 111 23.70 -16.50 -26.32
N THR D 112 24.25 -15.43 -26.88
CA THR D 112 25.17 -15.52 -28.02
C THR D 112 26.39 -14.67 -27.73
N LEU D 113 27.57 -15.21 -28.02
CA LEU D 113 28.82 -14.53 -27.71
C LEU D 113 29.22 -13.62 -28.86
N VAL D 114 29.51 -12.36 -28.55
CA VAL D 114 29.98 -11.38 -29.51
C VAL D 114 31.39 -10.99 -29.10
N THR D 115 32.37 -11.28 -29.95
CA THR D 115 33.77 -10.98 -29.69
C THR D 115 34.21 -9.86 -30.61
N VAL D 116 34.70 -8.77 -30.04
CA VAL D 116 35.12 -7.60 -30.79
C VAL D 116 36.61 -7.40 -30.51
N SER D 117 37.45 -7.82 -31.45
CA SER D 117 38.88 -7.59 -31.34
C SER D 117 39.50 -7.69 -32.72
N SER D 118 40.68 -7.10 -32.87
CA SER D 118 41.38 -7.05 -34.15
C SER D 118 42.27 -8.25 -34.40
N ALA D 119 42.43 -9.13 -33.41
CA ALA D 119 43.30 -10.29 -33.58
C ALA D 119 42.72 -11.28 -34.58
N SER D 120 43.58 -11.85 -35.41
CA SER D 120 43.19 -12.84 -36.39
C SER D 120 43.30 -14.25 -35.82
N THR D 121 42.69 -15.20 -36.52
CA THR D 121 42.76 -16.60 -36.11
C THR D 121 44.21 -17.07 -36.11
N LYS D 122 44.62 -17.71 -35.02
CA LYS D 122 45.99 -18.15 -34.86
C LYS D 122 46.02 -19.42 -34.03
N GLY D 123 46.81 -20.40 -34.47
CA GLY D 123 46.94 -21.65 -33.77
C GLY D 123 47.74 -21.51 -32.49
N PRO D 124 47.54 -22.43 -31.55
CA PRO D 124 48.25 -22.35 -30.27
C PRO D 124 49.72 -22.72 -30.43
N SER D 125 50.52 -22.21 -29.50
CA SER D 125 51.95 -22.52 -29.41
C SER D 125 52.21 -22.99 -27.99
N VAL D 126 52.10 -24.29 -27.77
CA VAL D 126 52.22 -24.85 -26.43
C VAL D 126 53.70 -25.00 -26.07
N PHE D 127 53.98 -24.97 -24.76
CA PHE D 127 55.34 -25.10 -24.25
C PHE D 127 55.32 -25.91 -22.96
N PRO D 128 55.90 -27.11 -22.95
CA PRO D 128 55.92 -27.91 -21.72
C PRO D 128 56.70 -27.21 -20.62
N LEU D 129 56.22 -27.37 -19.38
CA LEU D 129 56.88 -26.81 -18.20
C LEU D 129 57.57 -27.93 -17.46
N ALA D 130 58.89 -27.84 -17.32
CA ALA D 130 59.65 -28.89 -16.67
C ALA D 130 59.28 -28.97 -15.19
N PRO D 131 59.18 -30.18 -14.62
CA PRO D 131 58.87 -30.29 -13.19
C PRO D 131 59.91 -29.64 -12.30
N SER D 132 61.16 -29.56 -12.76
CA SER D 132 62.26 -28.94 -11.99
C SER D 132 62.44 -29.62 -10.65
N SER D 133 62.24 -30.95 -10.62
CA SER D 133 62.36 -31.75 -9.41
C SER D 133 61.50 -31.22 -8.28
N GLY D 139 57.44 -34.32 -2.31
CA GLY D 139 56.91 -35.23 -3.31
C GLY D 139 55.75 -34.62 -4.08
N THR D 140 55.04 -35.49 -4.81
CA THR D 140 53.89 -35.09 -5.64
C THR D 140 54.28 -33.97 -6.60
N ALA D 141 55.21 -34.28 -7.49
CA ALA D 141 55.70 -33.30 -8.45
C ALA D 141 54.60 -32.92 -9.43
N ALA D 142 54.49 -31.62 -9.70
CA ALA D 142 53.48 -31.09 -10.63
C ALA D 142 54.13 -30.77 -11.96
N LEU D 143 53.45 -31.13 -13.04
CA LEU D 143 53.93 -30.89 -14.39
C LEU D 143 52.77 -30.42 -15.25
N GLY D 144 53.10 -29.70 -16.32
CA GLY D 144 52.08 -29.20 -17.22
C GLY D 144 52.69 -28.55 -18.44
N CYS D 145 51.83 -28.22 -19.39
CA CYS D 145 52.21 -27.53 -20.61
C CYS D 145 51.42 -26.23 -20.73
N LEU D 146 52.12 -25.15 -21.07
CA LEU D 146 51.52 -23.82 -21.16
C LEU D 146 51.13 -23.55 -22.60
N VAL D 147 49.86 -23.22 -22.82
CA VAL D 147 49.33 -22.89 -24.14
C VAL D 147 49.32 -21.38 -24.28
N LYS D 148 49.97 -20.87 -25.32
CA LYS D 148 50.14 -19.44 -25.47
C LYS D 148 49.88 -19.01 -26.91
N ASP D 149 49.39 -17.79 -27.07
CA ASP D 149 49.25 -17.14 -28.37
C ASP D 149 48.30 -17.91 -29.29
N TYR D 150 47.06 -18.06 -28.82
CA TYR D 150 45.96 -18.54 -29.64
C TYR D 150 44.78 -17.61 -29.44
N PHE D 151 44.25 -17.07 -30.53
CA PHE D 151 43.15 -16.12 -30.37
C PHE D 151 41.79 -16.80 -30.14
N PRO D 152 41.35 -17.72 -31.00
CA PRO D 152 40.01 -18.30 -30.80
C PRO D 152 39.92 -19.02 -29.47
N GLU D 153 38.99 -18.57 -28.64
CA GLU D 153 38.96 -18.99 -27.23
C GLU D 153 38.80 -20.50 -27.03
N PRO D 154 37.83 -21.19 -27.68
CA PRO D 154 37.61 -22.61 -27.33
C PRO D 154 38.80 -23.49 -27.64
N VAL D 155 39.46 -23.99 -26.59
CA VAL D 155 40.57 -24.93 -26.71
C VAL D 155 40.39 -26.00 -25.66
N THR D 156 40.47 -27.27 -26.07
CA THR D 156 40.34 -28.40 -25.18
C THR D 156 41.70 -29.07 -25.02
N VAL D 157 42.11 -29.32 -23.78
CA VAL D 157 43.39 -29.92 -23.47
C VAL D 157 43.14 -31.28 -22.84
N SER D 158 43.72 -32.32 -23.42
CA SER D 158 43.59 -33.69 -22.92
C SER D 158 44.97 -34.22 -22.56
N TRP D 159 45.05 -34.91 -21.44
CA TRP D 159 46.31 -35.44 -20.93
C TRP D 159 46.37 -36.94 -21.17
N ASN D 160 47.45 -37.40 -21.81
CA ASN D 160 47.68 -38.81 -22.10
C ASN D 160 46.53 -39.42 -22.88
N SER D 161 46.27 -38.83 -24.05
CA SER D 161 45.23 -39.30 -24.98
C SER D 161 43.88 -39.37 -24.29
N GLY D 162 43.58 -38.38 -23.45
CA GLY D 162 42.32 -38.35 -22.74
C GLY D 162 42.14 -39.50 -21.77
N ALA D 163 43.21 -39.87 -21.06
CA ALA D 163 43.19 -40.97 -20.11
C ALA D 163 43.86 -40.56 -18.80
N LEU D 164 43.57 -39.35 -18.34
CA LEU D 164 44.13 -38.84 -17.09
C LEU D 164 43.20 -37.79 -16.52
N THR D 165 42.66 -38.04 -15.33
CA THR D 165 41.76 -37.12 -14.67
C THR D 165 42.11 -36.87 -13.20
N SER D 166 43.19 -37.46 -12.70
CA SER D 166 43.59 -37.27 -11.30
C SER D 166 44.46 -36.03 -11.20
N GLY D 167 43.89 -34.95 -10.67
CA GLY D 167 44.63 -33.72 -10.52
C GLY D 167 44.82 -32.93 -11.79
N VAL D 168 44.05 -33.22 -12.83
CA VAL D 168 44.16 -32.50 -14.09
C VAL D 168 43.35 -31.21 -13.98
N HIS D 169 44.04 -30.07 -14.00
CA HIS D 169 43.40 -28.77 -13.86
C HIS D 169 43.68 -27.95 -15.11
N THR D 170 42.63 -27.43 -15.72
CA THR D 170 42.73 -26.56 -16.89
C THR D 170 42.22 -25.18 -16.49
N PHE D 171 43.15 -24.25 -16.29
CA PHE D 171 42.77 -22.91 -15.88
C PHE D 171 42.08 -22.17 -17.02
N PRO D 172 41.12 -21.29 -16.71
CA PRO D 172 40.46 -20.53 -17.77
C PRO D 172 41.44 -19.61 -18.49
N ALA D 173 41.20 -19.43 -19.78
CA ALA D 173 42.05 -18.57 -20.59
C ALA D 173 41.91 -17.11 -20.17
N VAL D 174 43.00 -16.36 -20.34
CA VAL D 174 43.04 -14.94 -20.01
C VAL D 174 43.45 -14.16 -21.25
N LEU D 175 42.88 -12.98 -21.42
CA LEU D 175 43.20 -12.09 -22.52
C LEU D 175 44.40 -11.24 -22.13
N GLN D 176 45.55 -11.52 -22.73
CA GLN D 176 46.79 -10.84 -22.38
C GLN D 176 46.83 -9.47 -23.05
N SER D 177 48.01 -8.83 -23.06
CA SER D 177 48.14 -7.50 -23.64
C SER D 177 47.77 -7.49 -25.11
N SER D 178 48.23 -8.49 -25.86
CA SER D 178 47.82 -8.63 -27.24
C SER D 178 46.41 -9.23 -27.32
N GLY D 179 45.90 -9.35 -28.54
CA GLY D 179 44.58 -9.91 -28.73
C GLY D 179 44.48 -11.40 -28.48
N LEU D 180 45.61 -12.10 -28.44
CA LEU D 180 45.62 -13.54 -28.25
C LEU D 180 45.31 -13.90 -26.80
N TYR D 181 45.00 -15.16 -26.59
CA TYR D 181 44.72 -15.71 -25.26
C TYR D 181 45.88 -16.56 -24.78
N SER D 182 45.81 -16.95 -23.51
CA SER D 182 46.82 -17.82 -22.92
C SER D 182 46.14 -18.77 -21.93
N LEU D 183 46.48 -20.05 -22.02
CA LEU D 183 45.90 -21.08 -21.17
C LEU D 183 47.00 -21.95 -20.61
N SER D 184 46.81 -22.43 -19.39
CA SER D 184 47.78 -23.30 -18.73
C SER D 184 47.05 -24.51 -18.16
N SER D 185 47.62 -25.70 -18.38
CA SER D 185 47.09 -26.95 -17.86
C SER D 185 48.16 -27.62 -17.03
N VAL D 186 47.78 -28.10 -15.84
CA VAL D 186 48.73 -28.74 -14.92
C VAL D 186 48.14 -30.05 -14.45
N VAL D 187 49.03 -30.91 -13.96
CA VAL D 187 48.64 -32.20 -13.38
C VAL D 187 49.57 -32.51 -12.23
N THR D 188 49.04 -33.21 -11.23
CA THR D 188 49.80 -33.63 -10.05
C THR D 188 50.11 -35.12 -10.17
N VAL D 189 51.38 -35.46 -10.09
CA VAL D 189 51.84 -36.83 -10.29
C VAL D 189 52.84 -37.18 -9.19
N PRO D 190 52.84 -38.42 -8.69
CA PRO D 190 53.83 -38.79 -7.68
C PRO D 190 55.24 -38.64 -8.20
N SER D 191 56.16 -38.23 -7.31
CA SER D 191 57.53 -37.95 -7.71
C SER D 191 58.21 -39.20 -8.24
N SER D 192 58.00 -40.35 -7.59
CA SER D 192 58.60 -41.59 -8.06
C SER D 192 58.08 -41.96 -9.45
N SER D 193 56.78 -41.78 -9.68
CA SER D 193 56.21 -42.09 -10.99
C SER D 193 56.59 -41.07 -12.05
N LEU D 194 57.08 -39.90 -11.65
CA LEU D 194 57.43 -38.86 -12.62
C LEU D 194 58.56 -39.32 -13.54
N GLY D 195 59.58 -39.95 -12.97
CA GLY D 195 60.72 -40.36 -13.77
C GLY D 195 60.39 -41.46 -14.77
N THR D 196 59.58 -42.43 -14.36
CA THR D 196 59.32 -43.59 -15.20
C THR D 196 58.18 -43.32 -16.18
N GLN D 197 57.02 -42.89 -15.67
CA GLN D 197 55.86 -42.67 -16.53
C GLN D 197 56.09 -41.47 -17.44
N THR D 198 55.55 -41.56 -18.65
CA THR D 198 55.63 -40.50 -19.65
C THR D 198 54.27 -39.84 -19.77
N TYR D 199 54.23 -38.52 -19.63
CA TYR D 199 52.99 -37.75 -19.69
C TYR D 199 53.05 -36.77 -20.84
N ILE D 200 52.01 -36.78 -21.67
CA ILE D 200 51.89 -35.85 -22.79
C ILE D 200 50.53 -35.18 -22.73
N CYS D 201 50.45 -34.00 -23.33
CA CYS D 201 49.20 -33.23 -23.37
C CYS D 201 48.85 -32.92 -24.82
N ASN D 202 47.56 -33.06 -25.13
CA ASN D 202 47.06 -32.84 -26.48
C ASN D 202 46.19 -31.58 -26.47
N VAL D 203 46.54 -30.63 -27.32
CA VAL D 203 45.80 -29.37 -27.46
C VAL D 203 45.13 -29.39 -28.82
N ASN D 204 43.80 -29.41 -28.84
CA ASN D 204 43.02 -29.48 -30.07
C ASN D 204 42.31 -28.15 -30.26
N HIS D 205 42.79 -27.35 -31.21
CA HIS D 205 42.16 -26.08 -31.57
C HIS D 205 41.29 -26.31 -32.79
N LYS D 206 40.00 -26.52 -32.56
CA LYS D 206 39.08 -26.82 -33.66
C LYS D 206 39.00 -25.71 -34.69
N PRO D 207 38.76 -24.43 -34.32
CA PRO D 207 38.72 -23.39 -35.35
C PRO D 207 40.02 -23.23 -36.13
N SER D 208 41.16 -23.43 -35.49
CA SER D 208 42.45 -23.30 -36.15
C SER D 208 42.96 -24.63 -36.74
N ASN D 209 42.24 -25.72 -36.51
CA ASN D 209 42.59 -27.04 -37.05
C ASN D 209 44.02 -27.43 -36.67
N THR D 210 44.38 -27.19 -35.41
CA THR D 210 45.71 -27.47 -34.91
C THR D 210 45.61 -28.47 -33.76
N LYS D 211 46.48 -29.47 -33.77
CA LYS D 211 46.50 -30.54 -32.77
C LYS D 211 47.92 -30.75 -32.24
N VAL D 212 48.57 -29.65 -31.86
CA VAL D 212 49.96 -29.72 -31.41
C VAL D 212 50.04 -30.54 -30.13
N ASP D 213 50.91 -31.55 -30.13
CA ASP D 213 51.15 -32.42 -28.99
C ASP D 213 52.62 -32.34 -28.60
N LYS D 214 52.88 -32.27 -27.29
CA LYS D 214 54.25 -32.19 -26.79
C LYS D 214 54.42 -33.13 -25.61
N ARG D 215 55.67 -33.47 -25.33
CA ARG D 215 56.04 -34.37 -24.25
C ARG D 215 56.73 -33.58 -23.14
N VAL D 216 56.31 -33.82 -21.91
CA VAL D 216 56.86 -33.13 -20.73
C VAL D 216 57.68 -34.14 -19.95
N GLU D 217 59.00 -33.90 -19.87
CA GLU D 217 59.92 -34.74 -19.13
C GLU D 217 61.03 -33.86 -18.57
N PRO D 218 61.40 -34.04 -17.30
CA PRO D 218 62.46 -33.24 -16.67
C PRO D 218 63.85 -33.58 -17.21
N GLN E 1 -26.52 24.64 -1.20
CA GLN E 1 -26.59 23.84 0.02
C GLN E 1 -26.57 22.36 -0.32
N VAL E 2 -25.94 21.57 0.54
CA VAL E 2 -25.85 20.13 0.36
C VAL E 2 -26.79 19.46 1.37
N GLN E 3 -27.68 18.61 0.88
CA GLN E 3 -28.66 17.94 1.71
C GLN E 3 -28.75 16.47 1.30
N LEU E 4 -29.12 15.64 2.26
CA LEU E 4 -29.36 14.21 2.03
C LEU E 4 -30.71 13.90 2.68
N VAL E 5 -31.78 14.02 1.90
CA VAL E 5 -33.12 13.79 2.42
C VAL E 5 -33.39 12.30 2.47
N GLN E 6 -33.80 11.81 3.63
CA GLN E 6 -33.99 10.39 3.87
C GLN E 6 -35.47 10.04 3.90
N SER E 7 -35.76 8.75 3.74
CA SER E 7 -37.12 8.27 3.80
C SER E 7 -37.62 8.27 5.24
N GLY E 8 -38.93 8.12 5.40
CA GLY E 8 -39.56 8.23 6.70
C GLY E 8 -39.33 7.01 7.57
N ALA E 9 -39.89 7.07 8.78
CA ALA E 9 -39.75 6.00 9.75
C ALA E 9 -40.43 4.73 9.26
N GLU E 10 -39.80 3.59 9.53
CA GLU E 10 -40.29 2.29 9.10
C GLU E 10 -40.43 1.39 10.32
N VAL E 11 -41.63 0.83 10.51
CA VAL E 11 -41.88 -0.14 11.56
C VAL E 11 -42.01 -1.49 10.89
N LYS E 12 -41.05 -2.37 11.15
CA LYS E 12 -40.99 -3.68 10.50
C LYS E 12 -41.20 -4.80 11.49
N LYS E 13 -41.37 -6.00 10.95
CA LYS E 13 -41.52 -7.23 11.72
C LYS E 13 -40.25 -8.07 11.63
N PRO E 14 -39.95 -8.87 12.64
CA PRO E 14 -38.74 -9.69 12.57
C PRO E 14 -38.75 -10.63 11.38
N GLY E 15 -37.58 -10.75 10.73
CA GLY E 15 -37.43 -11.57 9.55
C GLY E 15 -37.76 -10.88 8.24
N ALA E 16 -38.27 -9.66 8.28
CA ALA E 16 -38.63 -8.93 7.07
C ALA E 16 -37.43 -8.17 6.53
N SER E 17 -37.66 -7.31 5.54
CA SER E 17 -36.61 -6.50 4.93
C SER E 17 -37.08 -5.07 4.82
N VAL E 18 -36.16 -4.13 5.07
CA VAL E 18 -36.44 -2.70 5.04
C VAL E 18 -35.55 -2.04 4.01
N LYS E 19 -36.12 -1.07 3.28
CA LYS E 19 -35.40 -0.31 2.28
C LYS E 19 -35.40 1.15 2.68
N VAL E 20 -34.21 1.74 2.83
CA VAL E 20 -34.05 3.14 3.22
C VAL E 20 -33.39 3.88 2.07
N SER E 21 -34.02 4.95 1.62
CA SER E 21 -33.51 5.77 0.54
C SER E 21 -32.81 7.01 1.10
N CYS E 22 -32.10 7.71 0.23
CA CYS E 22 -31.36 8.90 0.64
C CYS E 22 -31.24 9.82 -0.58
N LYS E 23 -32.06 10.86 -0.61
CA LYS E 23 -32.09 11.79 -1.74
C LYS E 23 -30.96 12.81 -1.59
N ALA E 24 -29.97 12.72 -2.46
CA ALA E 24 -28.84 13.64 -2.45
C ALA E 24 -29.12 14.83 -3.36
N SER E 25 -28.78 16.02 -2.89
CA SER E 25 -28.98 17.24 -3.67
C SER E 25 -27.94 18.27 -3.27
N GLY E 26 -27.72 19.23 -4.17
CA GLY E 26 -26.77 20.29 -3.95
C GLY E 26 -25.34 19.96 -4.32
N TYR E 27 -25.07 18.77 -4.85
CA TYR E 27 -23.74 18.38 -5.27
C TYR E 27 -23.87 17.28 -6.29
N THR E 28 -22.79 17.04 -7.04
CA THR E 28 -22.81 15.99 -8.06
C THR E 28 -22.83 14.62 -7.38
N PHE E 29 -23.88 13.84 -7.68
CA PHE E 29 -24.11 12.60 -6.95
C PHE E 29 -22.97 11.62 -7.12
N THR E 30 -22.47 11.48 -8.34
CA THR E 30 -21.35 10.57 -8.62
C THR E 30 -20.01 11.27 -8.42
N GLY E 31 -19.80 11.84 -7.23
CA GLY E 31 -18.56 12.53 -6.92
C GLY E 31 -17.86 12.00 -5.70
N THR E 32 -18.63 11.42 -4.77
CA THR E 32 -18.08 10.89 -3.53
C THR E 32 -18.91 9.71 -3.08
N TYR E 33 -18.35 8.94 -2.16
CA TYR E 33 -19.03 7.78 -1.62
C TYR E 33 -20.20 8.20 -0.74
N ILE E 34 -21.17 7.29 -0.60
CA ILE E 34 -22.29 7.46 0.32
C ILE E 34 -22.17 6.39 1.38
N HIS E 35 -21.94 6.81 2.62
CA HIS E 35 -21.76 5.89 3.74
C HIS E 35 -23.09 5.69 4.46
N TRP E 36 -23.27 4.50 5.02
CA TRP E 36 -24.46 4.17 5.80
C TRP E 36 -24.03 3.84 7.22
N VAL E 37 -24.44 4.67 8.16
CA VAL E 37 -24.15 4.51 9.58
C VAL E 37 -25.46 4.32 10.32
N ARG E 38 -25.42 3.61 11.43
CA ARG E 38 -26.60 3.38 12.24
C ARG E 38 -26.26 3.55 13.72
N GLN E 39 -27.29 3.88 14.51
CA GLN E 39 -27.13 4.15 15.93
C GLN E 39 -28.28 3.50 16.68
N ALA E 40 -27.98 2.43 17.41
CA ALA E 40 -28.99 1.82 18.27
C ALA E 40 -29.45 2.83 19.31
N PRO E 41 -30.74 2.81 19.70
CA PRO E 41 -31.25 3.83 20.61
C PRO E 41 -30.47 3.88 21.91
N GLY E 42 -29.64 4.91 22.06
CA GLY E 42 -28.82 5.08 23.24
C GLY E 42 -27.43 4.51 23.16
N GLN E 43 -27.11 3.71 22.14
CA GLN E 43 -25.75 3.24 21.94
C GLN E 43 -25.01 4.19 21.00
N GLY E 44 -23.80 3.79 20.60
CA GLY E 44 -22.97 4.60 19.75
C GLY E 44 -23.15 4.28 18.28
N LEU E 45 -22.43 5.03 17.45
CA LEU E 45 -22.52 4.89 16.01
C LEU E 45 -21.83 3.61 15.55
N GLU E 46 -22.35 3.05 14.45
CA GLU E 46 -21.79 1.84 13.85
C GLU E 46 -21.83 1.99 12.33
N TRP E 47 -20.66 1.94 11.70
CA TRP E 47 -20.57 2.05 10.25
C TRP E 47 -20.96 0.72 9.62
N MET E 48 -21.71 0.80 8.52
CA MET E 48 -22.25 -0.39 7.87
C MET E 48 -21.65 -0.64 6.49
N GLY E 49 -21.58 0.38 5.65
CA GLY E 49 -20.96 0.22 4.34
C GLY E 49 -21.05 1.49 3.54
N TRP E 50 -20.34 1.47 2.41
CA TRP E 50 -20.37 2.57 1.46
C TRP E 50 -20.66 2.04 0.07
N ILE E 51 -21.22 2.92 -0.78
CA ILE E 51 -21.47 2.62 -2.17
C ILE E 51 -20.90 3.76 -3.01
N ASN E 52 -20.17 3.42 -4.06
CA ASN E 52 -19.67 4.43 -4.98
C ASN E 52 -20.72 4.71 -6.05
N PRO E 53 -21.32 5.89 -6.08
CA PRO E 53 -22.37 6.14 -7.08
C PRO E 53 -21.89 6.04 -8.52
N ASN E 54 -20.63 6.38 -8.79
CA ASN E 54 -20.13 6.30 -10.16
C ASN E 54 -19.94 4.85 -10.59
N SER E 55 -19.09 4.11 -9.89
CA SER E 55 -18.81 2.73 -10.27
C SER E 55 -19.95 1.80 -9.91
N GLY E 56 -20.66 2.07 -8.81
CA GLY E 56 -21.64 1.15 -8.30
C GLY E 56 -21.10 0.14 -7.31
N GLY E 57 -19.78 0.14 -7.06
CA GLY E 57 -19.21 -0.82 -6.14
C GLY E 57 -19.55 -0.51 -4.70
N THR E 58 -19.45 -1.53 -3.86
CA THR E 58 -19.82 -1.44 -2.46
C THR E 58 -18.81 -2.18 -1.60
N ASN E 59 -18.80 -1.84 -0.32
CA ASN E 59 -18.03 -2.56 0.68
C ASN E 59 -18.76 -2.42 2.00
N PHE E 60 -18.82 -3.51 2.76
CA PHE E 60 -19.58 -3.55 4.00
C PHE E 60 -18.69 -4.01 5.14
N ALA E 61 -19.19 -3.82 6.37
CA ALA E 61 -18.50 -4.37 7.53
C ALA E 61 -18.63 -5.89 7.54
N GLN E 62 -17.70 -6.53 8.24
CA GLN E 62 -17.69 -8.00 8.28
C GLN E 62 -18.94 -8.55 8.94
N ILE E 63 -19.60 -7.77 9.79
CA ILE E 63 -20.81 -8.25 10.46
C ILE E 63 -22.06 -8.02 9.62
N PHE E 64 -21.99 -7.16 8.59
CA PHE E 64 -23.13 -6.87 7.73
C PHE E 64 -23.00 -7.54 6.36
N GLN E 65 -22.04 -8.44 6.20
CA GLN E 65 -21.85 -9.12 4.93
C GLN E 65 -22.94 -10.16 4.72
N GLY E 66 -23.67 -10.03 3.62
CA GLY E 66 -24.77 -10.93 3.30
C GLY E 66 -26.13 -10.44 3.75
N ARG E 67 -26.19 -9.41 4.59
CA ARG E 67 -27.46 -8.85 5.04
C ARG E 67 -27.78 -7.48 4.46
N VAL E 68 -26.76 -6.74 4.04
CA VAL E 68 -26.93 -5.39 3.51
C VAL E 68 -26.59 -5.42 2.03
N THR E 69 -27.50 -4.91 1.20
CA THR E 69 -27.21 -4.63 -0.19
C THR E 69 -27.44 -3.15 -0.44
N LEU E 70 -26.51 -2.52 -1.16
CA LEU E 70 -26.55 -1.08 -1.41
C LEU E 70 -26.68 -0.85 -2.90
N THR E 71 -27.68 -0.05 -3.27
CA THR E 71 -27.95 0.29 -4.66
C THR E 71 -28.16 1.79 -4.78
N ARG E 72 -27.81 2.33 -5.94
CA ARG E 72 -27.97 3.75 -6.22
C ARG E 72 -28.74 3.91 -7.53
N ASP E 73 -29.44 5.03 -7.64
CA ASP E 73 -30.16 5.39 -8.86
C ASP E 73 -29.71 6.80 -9.23
N THR E 74 -28.85 6.90 -10.25
CA THR E 74 -28.25 8.17 -10.61
C THR E 74 -29.25 9.12 -11.26
N SER E 75 -30.35 8.62 -11.80
CA SER E 75 -31.32 9.49 -12.46
C SER E 75 -31.92 10.48 -11.47
N ILE E 76 -32.43 9.99 -10.34
CA ILE E 76 -32.95 10.84 -9.28
C ILE E 76 -31.91 11.14 -8.21
N SER E 77 -30.70 10.60 -8.36
CA SER E 77 -29.60 10.81 -7.41
C SER E 77 -30.01 10.39 -5.99
N THR E 78 -30.37 9.11 -5.87
CA THR E 78 -30.83 8.56 -4.61
C THR E 78 -30.11 7.24 -4.35
N ALA E 79 -29.56 7.11 -3.14
CA ALA E 79 -28.92 5.89 -2.70
C ALA E 79 -29.89 5.10 -1.82
N TYR E 80 -29.80 3.77 -1.93
CA TYR E 80 -30.72 2.89 -1.21
C TYR E 80 -29.94 1.95 -0.31
N MET E 81 -30.54 1.61 0.83
CA MET E 81 -30.02 0.61 1.75
C MET E 81 -31.10 -0.43 1.96
N ASP E 82 -30.76 -1.68 1.72
CA ASP E 82 -31.69 -2.80 1.95
C ASP E 82 -31.08 -3.72 2.99
N LEU E 83 -31.78 -3.89 4.11
CA LEU E 83 -31.34 -4.76 5.20
C LEU E 83 -32.35 -5.89 5.34
N ASN E 84 -31.87 -7.12 5.18
CA ASN E 84 -32.72 -8.30 5.24
C ASN E 84 -32.51 -9.05 6.55
N ARG E 85 -33.40 -10.02 6.80
CA ARG E 85 -33.36 -10.84 8.01
C ARG E 85 -33.33 -9.97 9.26
N LEU E 86 -34.28 -9.03 9.32
CA LEU E 86 -34.33 -8.05 10.39
C LEU E 86 -34.58 -8.70 11.75
N LYS E 87 -33.55 -8.75 12.59
CA LYS E 87 -33.72 -9.17 13.96
C LYS E 87 -34.09 -7.98 14.83
N SER E 88 -34.45 -8.25 16.08
CA SER E 88 -34.80 -7.18 17.01
C SER E 88 -33.62 -6.28 17.36
N ASP E 89 -32.39 -6.70 17.04
CA ASP E 89 -31.20 -5.90 17.27
C ASP E 89 -30.95 -4.90 16.16
N ASP E 90 -31.72 -4.95 15.08
CA ASP E 90 -31.57 -4.01 13.96
C ASP E 90 -32.47 -2.80 14.10
N THR E 91 -32.93 -2.52 15.32
CA THR E 91 -33.68 -1.31 15.62
C THR E 91 -32.70 -0.19 15.91
N ALA E 92 -32.65 0.81 15.05
CA ALA E 92 -31.67 1.88 15.16
C ALA E 92 -32.13 3.05 14.29
N VAL E 93 -31.29 4.07 14.20
CA VAL E 93 -31.48 5.20 13.30
C VAL E 93 -30.43 5.08 12.21
N TYR E 94 -30.87 4.83 10.98
CA TYR E 94 -29.96 4.55 9.88
C TYR E 94 -29.63 5.85 9.16
N TYR E 95 -28.39 6.31 9.32
CA TYR E 95 -27.94 7.56 8.73
C TYR E 95 -27.32 7.31 7.37
N CYS E 96 -27.47 8.29 6.48
CA CYS E 96 -26.85 8.28 5.16
C CYS E 96 -25.87 9.43 5.12
N ALA E 97 -24.58 9.12 5.13
CA ALA E 97 -23.52 10.12 5.25
C ALA E 97 -22.77 10.21 3.93
N ARG E 98 -22.73 11.39 3.35
CA ARG E 98 -21.91 11.66 2.18
C ARG E 98 -20.45 11.79 2.60
N ASP E 99 -19.55 11.35 1.72
CA ASP E 99 -18.13 11.42 2.02
C ASP E 99 -17.61 12.83 1.76
N ARG E 100 -16.30 13.01 1.81
CA ARG E 100 -15.67 14.33 1.74
C ARG E 100 -15.29 14.64 0.30
N VAL E 101 -15.69 15.83 -0.16
CA VAL E 101 -15.50 16.21 -1.56
C VAL E 101 -14.16 16.92 -1.77
N LEU E 102 -13.79 17.83 -0.89
CA LEU E 102 -12.55 18.59 -1.01
C LEU E 102 -11.66 18.33 0.19
N TYR E 103 -10.35 18.36 -0.05
CA TYR E 103 -9.34 18.20 0.99
C TYR E 103 -9.38 16.82 1.62
N GLY E 104 -8.42 16.53 2.48
CA GLY E 104 -8.36 15.26 3.17
C GLY E 104 -7.40 14.29 2.51
N ARG E 105 -7.65 13.01 2.75
CA ARG E 105 -6.85 11.92 2.20
C ARG E 105 -7.70 11.09 1.25
N SER E 106 -7.11 10.72 0.12
CA SER E 106 -7.85 9.98 -0.90
C SER E 106 -8.31 8.62 -0.38
N PHE E 107 -7.45 7.94 0.37
CA PHE E 107 -7.81 6.67 0.98
C PHE E 107 -8.65 6.82 2.24
N GLY E 108 -8.87 8.03 2.70
CA GLY E 108 -9.59 8.24 3.93
C GLY E 108 -11.09 8.03 3.79
N TRP E 109 -11.73 7.84 4.93
CA TRP E 109 -13.17 7.67 5.03
C TRP E 109 -13.72 8.76 5.93
N TYR E 110 -14.50 9.67 5.36
CA TYR E 110 -15.09 10.78 6.09
C TYR E 110 -16.59 10.78 5.91
N PHE E 111 -17.30 11.29 6.92
CA PHE E 111 -18.74 11.44 6.87
C PHE E 111 -19.01 12.94 6.95
N ASP E 112 -18.97 13.59 5.79
CA ASP E 112 -19.00 15.05 5.73
C ASP E 112 -20.41 15.59 5.97
N VAL E 113 -21.38 15.14 5.17
CA VAL E 113 -22.76 15.55 5.28
C VAL E 113 -23.58 14.34 5.69
N TRP E 114 -24.37 14.48 6.75
CA TRP E 114 -25.19 13.39 7.27
C TRP E 114 -26.65 13.63 6.92
N GLY E 115 -27.37 12.54 6.65
CA GLY E 115 -28.80 12.62 6.49
C GLY E 115 -29.49 12.85 7.81
N ALA E 116 -30.78 13.20 7.73
CA ALA E 116 -31.54 13.47 8.94
C ALA E 116 -31.69 12.23 9.80
N GLY E 117 -31.68 11.05 9.20
CA GLY E 117 -31.81 9.81 9.95
C GLY E 117 -33.17 9.19 9.70
N THR E 118 -33.21 7.86 9.63
CA THR E 118 -34.44 7.10 9.43
C THR E 118 -34.53 6.07 10.55
N THR E 119 -35.51 6.25 11.43
CA THR E 119 -35.71 5.34 12.54
C THR E 119 -36.40 4.08 12.05
N VAL E 120 -35.79 2.92 12.31
CA VAL E 120 -36.35 1.64 11.93
C VAL E 120 -36.59 0.83 13.20
N THR E 121 -37.85 0.47 13.43
CA THR E 121 -38.25 -0.31 14.60
C THR E 121 -38.59 -1.73 14.15
N VAL E 122 -37.95 -2.72 14.77
CA VAL E 122 -38.13 -4.12 14.42
C VAL E 122 -38.60 -4.85 15.66
N SER E 123 -39.89 -5.20 15.70
CA SER E 123 -40.44 -5.97 16.80
C SER E 123 -41.67 -6.71 16.31
N SER E 124 -42.04 -7.78 17.02
CA SER E 124 -43.20 -8.57 16.67
C SER E 124 -44.50 -7.98 17.20
N ALA E 125 -44.43 -6.95 18.04
CA ALA E 125 -45.64 -6.34 18.59
C ALA E 125 -46.43 -5.60 17.52
N SER E 126 -47.75 -5.73 17.58
CA SER E 126 -48.61 -5.03 16.65
C SER E 126 -48.86 -3.60 17.10
N THR E 127 -49.33 -2.78 16.17
CA THR E 127 -49.65 -1.39 16.47
C THR E 127 -50.78 -1.31 17.48
N LYS E 128 -50.60 -0.50 18.52
CA LYS E 128 -51.58 -0.36 19.58
C LYS E 128 -51.66 1.10 20.00
N GLY E 129 -52.87 1.54 20.37
CA GLY E 129 -53.06 2.88 20.87
C GLY E 129 -52.66 3.00 22.32
N PRO E 130 -52.37 4.22 22.76
CA PRO E 130 -51.94 4.42 24.15
C PRO E 130 -53.07 4.29 25.15
N SER E 131 -52.68 3.98 26.38
CA SER E 131 -53.60 3.92 27.52
C SER E 131 -53.13 4.99 28.51
N VAL E 132 -53.85 6.11 28.53
CA VAL E 132 -53.45 7.28 29.32
C VAL E 132 -54.13 7.17 30.68
N PHE E 133 -53.32 7.21 31.74
CA PHE E 133 -53.81 7.18 33.11
C PHE E 133 -53.34 8.41 33.88
N PRO E 134 -54.15 8.90 34.82
CA PRO E 134 -53.74 10.08 35.59
C PRO E 134 -52.76 9.71 36.70
N LEU E 135 -52.01 10.73 37.13
CA LEU E 135 -51.08 10.61 38.26
C LEU E 135 -51.37 11.74 39.22
N ALA E 136 -51.91 11.41 40.40
CA ALA E 136 -52.28 12.40 41.39
C ALA E 136 -51.71 11.98 42.74
N PRO E 137 -51.33 12.94 43.58
CA PRO E 137 -50.79 12.60 44.90
C PRO E 137 -51.85 11.96 45.79
N CYS E 138 -51.38 11.07 46.67
CA CYS E 138 -52.23 10.38 47.63
C CYS E 138 -53.38 9.63 46.97
N SER E 145 -44.22 24.84 49.04
CA SER E 145 -44.44 23.48 48.56
C SER E 145 -45.35 23.46 47.35
N THR E 146 -44.84 22.96 46.23
CA THR E 146 -45.59 22.86 44.99
C THR E 146 -45.84 21.39 44.67
N ALA E 147 -47.10 21.04 44.40
CA ALA E 147 -47.46 19.68 44.10
C ALA E 147 -47.11 19.36 42.64
N ALA E 148 -47.19 18.07 42.31
CA ALA E 148 -46.91 17.58 40.97
C ALA E 148 -48.01 16.65 40.52
N LEU E 149 -48.30 16.67 39.22
CA LEU E 149 -49.30 15.79 38.64
C LEU E 149 -48.96 15.56 37.18
N GLY E 150 -49.41 14.43 36.63
CA GLY E 150 -49.09 14.08 35.27
C GLY E 150 -49.89 12.90 34.77
N CYS E 151 -49.51 12.42 33.59
CA CYS E 151 -50.14 11.28 32.95
C CYS E 151 -49.16 10.11 32.87
N LEU E 152 -49.71 8.94 32.51
CA LEU E 152 -48.98 7.67 32.55
C LEU E 152 -49.23 6.91 31.24
N VAL E 153 -48.99 7.58 30.11
CA VAL E 153 -49.17 6.96 28.80
C VAL E 153 -48.47 5.61 28.76
N LYS E 154 -49.24 4.56 28.51
CA LYS E 154 -48.73 3.21 28.66
C LYS E 154 -49.29 2.31 27.57
N ASP E 155 -48.53 1.27 27.22
CA ASP E 155 -48.95 0.24 26.28
C ASP E 155 -49.30 0.83 24.92
N TYR E 156 -48.35 1.49 24.28
CA TYR E 156 -48.54 2.02 22.93
C TYR E 156 -47.39 1.59 22.04
N PHE E 157 -47.69 1.40 20.76
CA PHE E 157 -46.71 1.00 19.77
C PHE E 157 -47.22 1.41 18.40
N PRO E 158 -46.34 1.94 17.53
CA PRO E 158 -44.93 2.22 17.75
C PRO E 158 -44.69 3.60 18.32
N GLU E 159 -43.47 4.07 18.31
CA GLU E 159 -43.17 5.42 18.72
C GLU E 159 -43.37 6.38 17.56
N PRO E 160 -43.58 7.68 17.83
CA PRO E 160 -43.63 8.36 19.13
C PRO E 160 -45.02 8.72 19.59
N VAL E 161 -45.12 9.26 20.80
CA VAL E 161 -46.35 9.83 21.34
C VAL E 161 -46.02 11.24 21.81
N THR E 162 -46.88 12.19 21.47
CA THR E 162 -46.69 13.59 21.84
C THR E 162 -47.64 13.93 22.98
N VAL E 163 -47.09 14.40 24.08
CA VAL E 163 -47.88 14.77 25.26
C VAL E 163 -47.70 16.26 25.51
N SER E 164 -48.81 16.99 25.50
CA SER E 164 -48.84 18.42 25.79
C SER E 164 -49.77 18.66 26.98
N TRP E 165 -49.89 19.92 27.36
CA TRP E 165 -50.74 20.29 28.49
C TRP E 165 -51.55 21.52 28.14
N ASN E 166 -52.86 21.43 28.35
CA ASN E 166 -53.80 22.52 28.05
C ASN E 166 -53.65 22.99 26.59
N SER E 167 -53.49 22.02 25.69
CA SER E 167 -53.33 22.28 24.26
C SER E 167 -52.16 23.23 23.99
N GLY E 168 -51.05 23.02 24.72
CA GLY E 168 -49.86 23.81 24.55
C GLY E 168 -49.79 25.06 25.42
N ALA E 169 -50.84 25.36 26.18
CA ALA E 169 -50.82 26.56 27.03
C ALA E 169 -49.78 26.43 28.13
N LEU E 170 -49.66 25.25 28.74
CA LEU E 170 -48.74 25.02 29.84
C LEU E 170 -47.46 24.40 29.31
N THR E 171 -46.37 25.17 29.34
CA THR E 171 -45.07 24.69 28.88
C THR E 171 -43.96 24.98 29.89
N SER E 172 -44.30 25.33 31.12
CA SER E 172 -43.32 25.60 32.16
C SER E 172 -43.42 24.52 33.23
N GLY E 173 -42.30 23.86 33.52
CA GLY E 173 -42.27 22.78 34.47
C GLY E 173 -42.67 21.43 33.91
N VAL E 174 -43.00 21.35 32.62
CA VAL E 174 -43.41 20.10 32.01
C VAL E 174 -42.18 19.24 31.76
N HIS E 175 -42.20 18.00 32.26
CA HIS E 175 -41.11 17.05 32.08
C HIS E 175 -41.66 15.79 31.44
N THR E 176 -41.45 15.66 30.12
CA THR E 176 -41.82 14.45 29.39
C THR E 176 -40.58 13.58 29.28
N PHE E 177 -40.60 12.45 29.98
CA PHE E 177 -39.46 11.56 30.07
C PHE E 177 -39.27 10.79 28.77
N PRO E 178 -38.09 10.20 28.56
CA PRO E 178 -37.94 9.25 27.44
C PRO E 178 -38.81 8.02 27.65
N ALA E 179 -39.27 7.45 26.54
CA ALA E 179 -40.09 6.25 26.61
C ALA E 179 -39.22 5.02 26.82
N VAL E 180 -39.71 4.09 27.64
CA VAL E 180 -39.00 2.85 27.94
C VAL E 180 -39.80 1.69 27.36
N LEU E 181 -39.10 0.75 26.73
CA LEU E 181 -39.72 -0.43 26.13
C LEU E 181 -39.77 -1.53 27.18
N GLN E 182 -40.97 -1.89 27.61
CA GLN E 182 -41.15 -2.88 28.66
C GLN E 182 -41.12 -4.28 28.05
N SER E 183 -41.42 -5.29 28.87
CA SER E 183 -41.22 -6.68 28.47
C SER E 183 -42.18 -7.15 27.38
N SER E 184 -43.30 -6.45 27.18
CA SER E 184 -44.29 -6.87 26.20
C SER E 184 -44.07 -6.25 24.82
N GLY E 185 -43.00 -5.47 24.65
CA GLY E 185 -42.75 -4.79 23.39
C GLY E 185 -43.50 -3.49 23.23
N LEU E 186 -44.35 -3.12 24.19
CA LEU E 186 -45.07 -1.87 24.17
C LEU E 186 -44.27 -0.81 24.90
N TYR E 187 -44.34 0.43 24.41
CA TYR E 187 -43.65 1.53 25.07
C TYR E 187 -44.51 2.12 26.17
N SER E 188 -43.86 2.60 27.22
CA SER E 188 -44.51 3.25 28.33
C SER E 188 -43.91 4.64 28.51
N LEU E 189 -44.76 5.61 28.87
CA LEU E 189 -44.35 6.99 28.90
C LEU E 189 -45.05 7.74 30.03
N SER E 190 -44.28 8.52 30.78
CA SER E 190 -44.83 9.35 31.85
C SER E 190 -44.41 10.79 31.64
N SER E 191 -45.36 11.70 31.77
CA SER E 191 -45.11 13.14 31.69
C SER E 191 -45.66 13.79 32.95
N VAL E 192 -44.89 14.71 33.52
CA VAL E 192 -45.27 15.37 34.77
C VAL E 192 -45.04 16.87 34.62
N VAL E 193 -45.69 17.64 35.49
CA VAL E 193 -45.54 19.09 35.52
C VAL E 193 -45.70 19.55 36.96
N THR E 194 -44.89 20.54 37.34
CA THR E 194 -44.96 21.10 38.68
C THR E 194 -45.99 22.23 38.71
N VAL E 195 -46.89 22.18 39.69
CA VAL E 195 -47.93 23.19 39.84
C VAL E 195 -47.97 23.65 41.29
N PRO E 196 -48.26 24.92 41.56
CA PRO E 196 -48.38 25.37 42.95
C PRO E 196 -49.52 24.64 43.67
N SER E 197 -49.30 24.38 44.96
CA SER E 197 -50.31 23.67 45.75
C SER E 197 -51.59 24.48 45.91
N SER E 198 -51.52 25.80 45.76
CA SER E 198 -52.73 26.62 45.87
C SER E 198 -53.63 26.48 44.65
N SER E 199 -53.08 26.09 43.50
CA SER E 199 -53.85 25.99 42.27
C SER E 199 -54.45 24.61 42.06
N LEU E 200 -54.27 23.68 43.01
CA LEU E 200 -54.85 22.35 42.86
C LEU E 200 -56.37 22.41 42.85
N GLY E 201 -56.96 23.20 43.73
CA GLY E 201 -58.40 23.34 43.82
C GLY E 201 -58.99 24.43 42.96
N THR E 202 -58.18 25.15 42.20
CA THR E 202 -58.66 26.23 41.33
C THR E 202 -58.55 25.89 39.85
N LYS E 203 -57.37 25.51 39.38
CA LYS E 203 -57.17 25.10 38.00
C LYS E 203 -57.11 23.58 37.91
N THR E 204 -57.64 23.05 36.82
CA THR E 204 -57.58 21.63 36.51
C THR E 204 -56.81 21.45 35.21
N TYR E 205 -55.82 20.56 35.23
CA TYR E 205 -54.87 20.41 34.13
C TYR E 205 -55.14 19.12 33.38
N THR E 206 -55.12 19.21 32.05
CA THR E 206 -55.34 18.06 31.18
C THR E 206 -54.07 17.80 30.38
N CYS E 207 -53.84 16.53 30.03
CA CYS E 207 -52.72 16.13 29.20
C CYS E 207 -53.24 15.62 27.86
N ASN E 208 -52.59 16.05 26.79
CA ASN E 208 -53.02 15.76 25.42
C ASN E 208 -52.05 14.74 24.81
N VAL E 209 -52.55 13.52 24.63
CA VAL E 209 -51.74 12.45 24.06
C VAL E 209 -52.17 12.23 22.62
N ASP E 210 -51.24 12.42 21.69
CA ASP E 210 -51.51 12.36 20.25
C ASP E 210 -50.62 11.29 19.64
N HIS E 211 -51.15 10.07 19.54
CA HIS E 211 -50.44 8.97 18.90
C HIS E 211 -50.75 8.96 17.42
N LYS E 212 -49.75 9.30 16.58
CA LYS E 212 -50.00 9.39 15.15
C LYS E 212 -50.39 8.04 14.55
N PRO E 213 -49.67 6.93 14.81
CA PRO E 213 -50.19 5.64 14.38
C PRO E 213 -51.46 5.28 15.14
N SER E 214 -52.39 4.61 14.45
CA SER E 214 -53.71 4.23 14.93
C SER E 214 -54.61 5.44 15.20
N ASN E 215 -54.11 6.66 15.02
CA ASN E 215 -54.91 7.89 15.12
C ASN E 215 -55.61 8.01 16.47
N THR E 216 -55.02 7.45 17.52
CA THR E 216 -55.61 7.51 18.85
C THR E 216 -55.21 8.81 19.54
N LYS E 217 -56.21 9.59 19.96
CA LYS E 217 -55.98 10.84 20.66
C LYS E 217 -56.80 10.85 21.94
N VAL E 218 -56.15 11.12 23.07
CA VAL E 218 -56.78 11.10 24.38
C VAL E 218 -56.52 12.43 25.05
N ASP E 219 -57.57 13.01 25.64
CA ASP E 219 -57.46 14.29 26.33
C ASP E 219 -57.84 14.15 27.79
N LYS E 220 -57.32 13.11 28.45
CA LYS E 220 -57.63 12.87 29.85
C LYS E 220 -57.15 14.05 30.71
N ARG E 221 -57.93 14.36 31.75
CA ARG E 221 -57.65 15.48 32.62
C ARG E 221 -57.36 14.98 34.03
N VAL E 222 -56.27 15.48 34.61
CA VAL E 222 -55.79 15.03 35.92
C VAL E 222 -56.46 15.87 36.99
N GLU E 223 -57.09 15.19 37.95
CA GLU E 223 -57.75 15.85 39.07
C GLU E 223 -57.10 15.37 40.37
N SER E 224 -56.76 16.32 41.24
CA SER E 224 -56.13 16.00 42.51
C SER E 224 -57.20 15.49 43.48
N LYS E 225 -57.19 14.19 43.74
CA LYS E 225 -58.17 13.57 44.62
C LYS E 225 -57.82 13.82 46.08
#